data_5QK2
#
_entry.id   5QK2
#
_cell.length_a   48.507
_cell.length_b   59.468
_cell.length_c   80.087
_cell.angle_alpha   79.550
_cell.angle_beta   82.120
_cell.angle_gamma   76.180
#
_symmetry.space_group_name_H-M   'P 1'
#
loop_
_entity.id
_entity.type
_entity.pdbx_description
1 polymer 'ADP-sugar pyrophosphatase'
2 non-polymer 'MAGNESIUM ION'
3 non-polymer 1,2-ETHANEDIOL
4 non-polymer 'CHLORIDE ION'
5 non-polymer N-methylpyrimidin-2-amine
6 water water
#
_entity_poly.entity_id   1
_entity_poly.type   'polypeptide(L)'
_entity_poly.pdbx_seq_one_letter_code
;SMESQEPTESSQNGKQYIISEELISEGKWVKLEKTTYMDPTGKTRTWESVKRTTRKEQTADGVAVIPVLQRTLHYECIVL
VKQFRPPMGGYCIEFPAGLIDDGETPEAAALRELEEETGYKGDIAECSPAVCMDPGLSNCTIHIVTVTINGDDAENARPK
PKPGDGEFVEVISLPKNDLLQRLDALVAEEHLTVDARVYSYALALKHAN
;
_entity_poly.pdbx_strand_id   A,B,C,D
#
# COMPACT_ATOMS: atom_id res chain seq x y z
N LYS A 15 7.25 44.05 13.37
CA LYS A 15 8.48 44.84 13.12
C LYS A 15 8.60 45.17 11.64
N GLN A 16 8.53 44.14 10.79
CA GLN A 16 8.83 44.32 9.36
C GLN A 16 7.60 44.58 8.53
N TYR A 17 7.81 45.32 7.45
CA TYR A 17 6.69 45.66 6.58
C TYR A 17 7.15 46.16 5.23
N ILE A 18 6.19 46.19 4.32
CA ILE A 18 6.39 46.66 2.99
C ILE A 18 6.38 48.19 3.00
N ILE A 19 7.41 48.72 2.35
CA ILE A 19 7.58 50.15 2.06
C ILE A 19 7.00 50.47 0.69
N SER A 20 7.41 49.73 -0.32
CA SER A 20 6.89 49.97 -1.65
C SER A 20 7.07 48.77 -2.54
N GLU A 21 6.36 48.81 -3.67
CA GLU A 21 6.27 47.71 -4.61
C GLU A 21 6.35 48.31 -6.01
N GLU A 22 7.43 48.00 -6.74
CA GLU A 22 7.66 48.57 -8.06
C GLU A 22 7.52 47.51 -9.14
N LEU A 23 6.58 47.75 -10.03
CA LEU A 23 6.33 46.84 -11.13
C LEU A 23 7.56 46.83 -12.04
N ILE A 24 8.16 45.63 -12.19
CA ILE A 24 9.28 45.42 -13.09
C ILE A 24 8.83 44.93 -14.48
N SER A 25 7.88 44.00 -14.53
CA SER A 25 7.47 43.39 -15.79
C SER A 25 6.12 42.73 -15.63
N GLU A 26 5.17 42.99 -16.53
CA GLU A 26 3.79 42.48 -16.43
C GLU A 26 3.41 41.74 -17.70
N GLY A 27 3.12 40.43 -17.57
CA GLY A 27 2.45 39.67 -18.62
C GLY A 27 0.94 39.69 -18.47
N LYS A 28 0.26 38.84 -19.23
CA LYS A 28 -1.17 38.62 -19.04
C LYS A 28 -1.53 37.91 -17.72
N TRP A 29 -0.62 37.07 -17.22
CA TRP A 29 -0.84 36.17 -16.08
C TRP A 29 0.04 36.39 -14.84
N VAL A 30 1.29 36.79 -15.05
CA VAL A 30 2.30 36.91 -13.97
C VAL A 30 2.98 38.24 -14.13
N LYS A 31 3.36 38.81 -13.01
CA LYS A 31 4.20 39.96 -13.01
C LYS A 31 5.30 39.76 -12.01
N LEU A 32 6.43 40.35 -12.32
CA LEU A 32 7.56 40.46 -11.44
C LEU A 32 7.62 41.89 -10.89
N GLU A 33 7.85 42.00 -9.58
CA GLU A 33 7.95 43.23 -8.86
C GLU A 33 9.26 43.32 -8.05
N LYS A 34 9.76 44.55 -7.86
CA LYS A 34 10.86 44.84 -6.96
C LYS A 34 10.21 45.32 -5.67
N THR A 35 10.49 44.64 -4.58
CA THR A 35 9.77 44.88 -3.34
C THR A 35 10.79 45.52 -2.42
N THR A 36 10.44 46.69 -1.86
CA THR A 36 11.25 47.31 -0.82
C THR A 36 10.53 47.19 0.50
N TYR A 37 11.28 46.82 1.55
CA TYR A 37 10.74 46.56 2.88
C TYR A 37 11.68 46.93 4.00
N MET A 38 11.10 47.09 5.19
CA MET A 38 11.82 47.47 6.38
C MET A 38 12.20 46.21 7.12
N ASP A 39 13.50 46.01 7.31
CA ASP A 39 13.97 44.81 7.99
C ASP A 39 13.89 45.10 9.49
N PRO A 40 14.08 44.07 10.33
CA PRO A 40 13.86 44.29 11.77
C PRO A 40 14.94 45.09 12.50
N THR A 41 16.07 45.35 11.84
CA THR A 41 17.11 46.29 12.34
C THR A 41 16.81 47.77 12.04
N GLY A 42 15.80 48.05 11.22
CA GLY A 42 15.48 49.41 10.78
C GLY A 42 16.00 49.71 9.38
N LYS A 43 16.71 48.78 8.76
CA LYS A 43 17.29 48.97 7.44
C LYS A 43 16.29 48.64 6.32
N THR A 44 16.23 49.52 5.31
CA THR A 44 15.57 49.28 4.02
C THR A 44 16.29 48.12 3.27
N ARG A 45 15.57 47.08 2.84
CA ARG A 45 16.10 46.10 1.89
C ARG A 45 15.11 45.88 0.73
N THR A 46 15.59 45.22 -0.35
CA THR A 46 14.71 44.87 -1.48
C THR A 46 14.63 43.34 -1.76
N TRP A 47 13.65 42.97 -2.53
CA TRP A 47 13.39 41.55 -2.87
C TRP A 47 12.81 41.52 -4.26
N GLU A 48 13.02 40.42 -4.94
CA GLU A 48 12.35 40.20 -6.20
C GLU A 48 11.14 39.30 -6.02
N SER A 49 9.96 39.86 -6.21
CA SER A 49 8.72 39.18 -5.92
C SER A 49 7.95 38.91 -7.18
N VAL A 50 7.30 37.75 -7.19
CA VAL A 50 6.36 37.33 -8.21
C VAL A 50 4.89 37.43 -7.72
N LYS A 51 4.03 37.93 -8.57
CA LYS A 51 2.60 37.92 -8.27
C LYS A 51 1.83 37.55 -9.47
N ARG A 52 0.59 37.10 -9.26
CA ARG A 52 -0.26 36.84 -10.40
C ARG A 52 -1.05 38.11 -10.67
N THR A 53 -1.43 38.31 -11.93
CA THR A 53 -2.22 39.45 -12.35
C THR A 53 -3.74 39.20 -12.21
N THR A 54 -4.11 37.94 -11.99
CA THR A 54 -5.47 37.50 -11.98
C THR A 54 -6.23 37.72 -10.66
N ARG A 55 -5.59 38.13 -9.56
CA ARG A 55 -6.25 38.04 -8.26
C ARG A 55 -7.10 39.30 -7.94
N LYS A 56 -8.43 39.15 -7.92
CA LYS A 56 -9.33 40.30 -7.69
C LYS A 56 -9.61 40.38 -6.17
N GLU A 57 -10.83 40.03 -5.74
CA GLU A 57 -11.21 40.04 -4.32
C GLU A 57 -11.26 38.62 -3.72
N GLN A 58 -10.86 37.61 -4.49
CA GLN A 58 -10.77 36.26 -3.95
C GLN A 58 -9.85 36.29 -2.73
N THR A 59 -10.08 35.38 -1.78
CA THR A 59 -9.30 35.34 -0.53
C THR A 59 -7.96 34.65 -0.74
N ALA A 60 -7.79 34.02 -1.91
CA ALA A 60 -6.60 33.30 -2.31
C ALA A 60 -6.65 33.28 -3.81
N ASP A 61 -5.52 32.96 -4.45
CA ASP A 61 -5.50 32.81 -5.91
C ASP A 61 -6.30 31.62 -6.41
N GLY A 62 -6.13 30.51 -5.70
CA GLY A 62 -6.56 29.21 -6.16
C GLY A 62 -7.04 28.30 -5.04
N VAL A 63 -7.43 27.13 -5.44
CA VAL A 63 -7.70 26.02 -4.52
C VAL A 63 -6.93 24.79 -4.98
N ALA A 64 -6.50 24.00 -4.01
CA ALA A 64 -6.15 22.61 -4.22
C ALA A 64 -7.17 21.69 -3.47
N VAL A 65 -7.59 20.62 -4.11
CA VAL A 65 -8.56 19.73 -3.54
C VAL A 65 -7.84 18.45 -3.03
N ILE A 66 -8.04 18.10 -1.77
CA ILE A 66 -7.69 16.79 -1.25
C ILE A 66 -8.91 15.90 -1.34
N PRO A 67 -8.98 15.06 -2.37
CA PRO A 67 -10.22 14.35 -2.63
C PRO A 67 -10.11 12.90 -2.14
N VAL A 68 -10.84 12.60 -1.08
CA VAL A 68 -10.82 11.22 -0.47
C VAL A 68 -11.96 10.41 -1.03
N LEU A 69 -11.62 9.46 -1.88
CA LEU A 69 -12.59 8.61 -2.54
C LEU A 69 -12.87 7.47 -1.61
N GLN A 70 -14.11 7.41 -1.13
CA GLN A 70 -14.59 6.48 -0.14
C GLN A 70 -15.62 5.58 -0.82
N ARG A 71 -15.45 4.27 -0.58
CA ARG A 71 -16.30 3.26 -1.15
C ARG A 71 -16.35 2.09 -0.23
N THR A 72 -17.53 1.48 -0.15
CA THR A 72 -17.70 0.34 0.76
C THR A 72 -16.73 -0.80 0.35
N LEU A 73 -16.02 -1.34 1.32
CA LEU A 73 -15.11 -2.52 1.14
C LEU A 73 -13.93 -2.22 0.20
N HIS A 74 -13.57 -0.93 0.20
CA HIS A 74 -12.37 -0.41 -0.45
C HIS A 74 -11.63 0.38 0.56
N TYR A 75 -10.32 0.32 0.45
CA TYR A 75 -9.49 1.24 1.11
C TYR A 75 -9.77 2.65 0.52
N GLU A 76 -9.69 3.68 1.35
CA GLU A 76 -9.82 5.08 0.83
C GLU A 76 -8.72 5.38 -0.13
N CYS A 77 -9.04 6.17 -1.15
CA CYS A 77 -8.05 6.58 -2.14
C CYS A 77 -7.97 8.06 -2.18
N ILE A 78 -6.77 8.57 -2.44
CA ILE A 78 -6.56 9.97 -2.66
C ILE A 78 -6.61 10.11 -4.17
N VAL A 79 -7.42 11.05 -4.66
CA VAL A 79 -7.52 11.26 -6.12
C VAL A 79 -6.53 12.41 -6.54
N LEU A 80 -5.66 12.10 -7.52
CA LEU A 80 -4.60 12.99 -7.97
C LEU A 80 -4.72 13.17 -9.47
N VAL A 81 -4.13 14.23 -9.98
CA VAL A 81 -4.12 14.46 -11.43
C VAL A 81 -2.70 14.54 -11.92
N LYS A 82 -2.50 14.11 -13.17
CA LYS A 82 -1.22 14.16 -13.87
C LYS A 82 -1.42 15.08 -15.06
N GLN A 83 -0.59 16.13 -15.18
CA GLN A 83 -0.70 17.12 -16.29
C GLN A 83 0.66 17.49 -16.74
N PHE A 84 0.72 17.90 -18.01
CA PHE A 84 1.88 18.64 -18.46
C PHE A 84 1.86 20.04 -17.89
N ARG A 85 3.00 20.43 -17.36
CA ARG A 85 3.15 21.73 -16.78
C ARG A 85 4.27 22.46 -17.50
N PRO A 86 3.89 23.41 -18.40
CA PRO A 86 4.88 24.22 -19.13
C PRO A 86 6.02 24.75 -18.30
N PRO A 87 5.75 25.35 -17.12
CA PRO A 87 6.90 25.83 -16.39
C PRO A 87 7.91 24.78 -15.96
N MET A 88 7.44 23.55 -15.76
CA MET A 88 8.33 22.45 -15.41
C MET A 88 8.98 21.73 -16.61
N GLY A 89 8.54 21.97 -17.86
CA GLY A 89 8.98 21.15 -19.00
C GLY A 89 8.67 19.65 -18.86
N GLY A 90 7.52 19.31 -18.28
CA GLY A 90 7.18 17.90 -18.05
C GLY A 90 5.92 17.72 -17.23
N TYR A 91 5.64 16.45 -16.97
CA TYR A 91 4.39 15.99 -16.37
C TYR A 91 4.52 15.95 -14.88
N CYS A 92 3.46 16.38 -14.19
CA CYS A 92 3.51 16.54 -12.74
C CYS A 92 2.31 15.85 -12.13
N ILE A 93 2.47 15.26 -10.93
CA ILE A 93 1.35 14.66 -10.22
C ILE A 93 1.00 15.56 -9.05
N GLU A 94 -0.26 15.92 -8.96
CA GLU A 94 -0.74 17.03 -8.13
C GLU A 94 -2.19 16.76 -7.66
N PHE A 95 -2.55 17.37 -6.55
CA PHE A 95 -3.93 17.51 -6.16
C PHE A 95 -4.65 18.29 -7.23
N PRO A 96 -5.88 17.90 -7.55
CA PRO A 96 -6.72 18.73 -8.42
C PRO A 96 -6.78 20.14 -7.88
N ALA A 97 -6.76 21.11 -8.79
CA ALA A 97 -6.53 22.49 -8.46
C ALA A 97 -6.86 23.39 -9.62
N GLY A 98 -7.34 24.58 -9.29
CA GLY A 98 -7.47 25.68 -10.23
C GLY A 98 -7.58 26.99 -9.54
N LEU A 99 -7.51 28.04 -10.32
CA LEU A 99 -7.73 29.36 -9.75
C LEU A 99 -9.23 29.55 -9.38
N ILE A 100 -9.48 30.42 -8.43
CA ILE A 100 -10.84 30.74 -8.02
C ILE A 100 -11.37 31.83 -8.97
N ASP A 101 -12.51 31.60 -9.63
CA ASP A 101 -13.12 32.66 -10.48
C ASP A 101 -13.58 33.81 -9.64
N ASP A 102 -13.70 34.99 -10.29
CA ASP A 102 -14.23 36.20 -9.67
C ASP A 102 -15.61 35.93 -9.03
N GLY A 103 -15.75 36.22 -7.75
CA GLY A 103 -17.01 36.05 -7.02
C GLY A 103 -17.34 34.62 -6.63
N GLU A 104 -16.43 33.69 -6.94
CA GLU A 104 -16.63 32.28 -6.58
C GLU A 104 -16.08 32.06 -5.15
N THR A 105 -16.73 31.18 -4.39
CA THR A 105 -16.23 30.80 -3.07
C THR A 105 -15.08 29.73 -3.24
N PRO A 106 -14.16 29.60 -2.26
CA PRO A 106 -13.13 28.52 -2.39
C PRO A 106 -13.84 27.16 -2.53
N GLU A 107 -14.88 26.96 -1.74
CA GLU A 107 -15.61 25.63 -1.76
C GLU A 107 -16.21 25.33 -3.12
N ALA A 108 -16.80 26.33 -3.78
CA ALA A 108 -17.44 26.12 -5.10
C ALA A 108 -16.34 25.80 -6.14
N ALA A 109 -15.25 26.58 -6.06
CA ALA A 109 -14.13 26.44 -6.95
C ALA A 109 -13.53 25.05 -6.77
N ALA A 110 -13.34 24.63 -5.51
CA ALA A 110 -12.85 23.27 -5.20
C ALA A 110 -13.70 22.22 -5.79
N LEU A 111 -15.01 22.30 -5.54
CA LEU A 111 -15.89 21.27 -6.14
C LEU A 111 -15.93 21.37 -7.66
N ARG A 112 -15.85 22.58 -8.21
CA ARG A 112 -15.95 22.71 -9.67
C ARG A 112 -14.74 22.08 -10.34
N GLU A 113 -13.58 22.45 -9.83
CA GLU A 113 -12.29 21.97 -10.39
C GLU A 113 -12.16 20.46 -10.27
N LEU A 114 -12.56 19.94 -9.13
CA LEU A 114 -12.55 18.50 -8.95
C LEU A 114 -13.41 17.85 -9.97
N GLU A 115 -14.60 18.35 -10.21
CA GLU A 115 -15.42 17.66 -11.22
C GLU A 115 -14.81 17.85 -12.60
N GLU A 116 -14.35 19.07 -12.92
CA GLU A 116 -13.72 19.33 -14.21
C GLU A 116 -12.54 18.46 -14.52
N GLU A 117 -11.66 18.37 -13.55
CA GLU A 117 -10.40 17.65 -13.70
C GLU A 117 -10.52 16.13 -13.55
N THR A 118 -11.48 15.68 -12.73
CA THR A 118 -11.67 14.23 -12.49
C THR A 118 -12.95 13.56 -12.89
N GLY A 119 -14.00 14.34 -13.13
CA GLY A 119 -15.31 13.73 -13.23
C GLY A 119 -16.02 13.48 -11.88
N TYR A 120 -15.31 13.46 -10.74
CA TYR A 120 -15.98 13.24 -9.48
C TYR A 120 -16.75 14.45 -8.91
N LYS A 121 -17.91 14.14 -8.31
CA LYS A 121 -18.70 15.07 -7.54
C LYS A 121 -18.49 14.76 -6.07
N GLY A 122 -17.82 15.65 -5.39
CA GLY A 122 -17.50 15.50 -4.02
C GLY A 122 -18.42 16.27 -3.12
N ASP A 123 -18.17 16.11 -1.84
CA ASP A 123 -18.95 16.77 -0.81
C ASP A 123 -17.90 17.45 0.03
N ILE A 124 -18.06 18.73 0.28
CA ILE A 124 -17.16 19.45 1.14
C ILE A 124 -16.99 18.78 2.50
N ALA A 125 -15.74 18.69 2.96
CA ALA A 125 -15.44 18.26 4.32
C ALA A 125 -14.86 19.37 5.11
N GLU A 126 -13.84 20.04 4.57
CA GLU A 126 -13.22 21.17 5.30
C GLU A 126 -12.53 22.10 4.31
N CYS A 127 -12.22 23.29 4.78
CA CYS A 127 -11.60 24.35 3.97
C CYS A 127 -10.60 25.09 4.81
N SER A 128 -9.33 25.06 4.40
CA SER A 128 -8.26 25.74 5.13
C SER A 128 -8.38 27.24 4.96
N PRO A 129 -7.75 28.00 5.84
CA PRO A 129 -7.42 29.40 5.46
C PRO A 129 -6.47 29.46 4.24
N ALA A 130 -6.42 30.62 3.59
CA ALA A 130 -5.41 30.94 2.58
C ALA A 130 -4.00 30.51 3.06
N VAL A 131 -3.32 29.67 2.29
CA VAL A 131 -1.94 29.24 2.65
C VAL A 131 -1.04 29.51 1.47
N CYS A 132 0.25 29.77 1.75
CA CYS A 132 1.17 30.30 0.76
C CYS A 132 1.85 29.17 0.06
N MET A 133 2.05 29.39 -1.23
CA MET A 133 2.61 28.40 -2.11
C MET A 133 4.15 28.38 -2.09
N ASP A 134 4.80 29.55 -2.04
CA ASP A 134 6.26 29.61 -2.15
C ASP A 134 6.61 31.02 -1.70
N PRO A 135 6.50 31.25 -0.39
CA PRO A 135 6.35 32.61 0.05
C PRO A 135 7.70 33.40 -0.06
N GLY A 136 8.86 32.71 -0.22
CA GLY A 136 10.14 33.37 -0.55
C GLY A 136 10.19 33.87 -2.01
N LEU A 137 9.28 33.40 -2.86
CA LEU A 137 9.23 33.73 -4.27
C LEU A 137 7.99 34.56 -4.69
N SER A 138 6.81 34.09 -4.28
CA SER A 138 5.56 34.71 -4.69
C SER A 138 4.61 35.02 -3.54
N ASN A 139 3.56 35.76 -3.89
CA ASN A 139 2.52 36.03 -2.92
C ASN A 139 1.37 35.01 -3.10
N CYS A 140 1.52 34.04 -4.00
CA CYS A 140 0.44 33.19 -4.36
C CYS A 140 -0.07 32.38 -3.14
N THR A 141 -1.40 32.21 -3.11
CA THR A 141 -2.04 31.53 -2.00
C THR A 141 -3.14 30.64 -2.56
N ILE A 142 -3.46 29.61 -1.78
CA ILE A 142 -4.62 28.77 -2.10
C ILE A 142 -5.36 28.49 -0.82
N HIS A 143 -6.61 28.00 -0.97
CA HIS A 143 -7.26 27.18 0.07
C HIS A 143 -7.12 25.79 -0.32
N ILE A 144 -6.78 25.00 0.66
CA ILE A 144 -6.73 23.55 0.48
C ILE A 144 -8.08 23.08 0.96
N VAL A 145 -8.82 22.51 0.08
CA VAL A 145 -10.18 22.08 0.39
C VAL A 145 -10.27 20.57 0.40
N THR A 146 -10.56 20.02 1.55
CA THR A 146 -10.75 18.56 1.73
C THR A 146 -12.18 18.24 1.38
N VAL A 147 -12.31 17.26 0.51
CA VAL A 147 -13.55 16.83 -0.06
C VAL A 147 -13.58 15.30 -0.07
N THR A 148 -14.73 14.76 0.31
CA THR A 148 -15.00 13.32 0.28
C THR A 148 -15.80 13.02 -0.94
N ILE A 149 -15.48 11.93 -1.59
CA ILE A 149 -16.17 11.49 -2.75
C ILE A 149 -16.89 10.19 -2.37
N ASN A 150 -18.21 10.18 -2.52
CA ASN A 150 -18.96 8.96 -2.27
C ASN A 150 -18.85 8.17 -3.55
N GLY A 151 -17.88 7.23 -3.59
CA GLY A 151 -17.70 6.39 -4.77
C GLY A 151 -18.79 5.30 -4.94
N ASP A 152 -19.69 5.17 -3.96
CA ASP A 152 -20.86 4.28 -4.14
C ASP A 152 -22.05 4.98 -4.84
N ASP A 153 -21.99 6.29 -5.03
CA ASP A 153 -23.10 7.01 -5.65
C ASP A 153 -22.97 6.79 -7.16
N ALA A 154 -24.09 6.57 -7.84
CA ALA A 154 -24.08 6.29 -9.28
C ALA A 154 -23.44 7.43 -10.09
N GLU A 155 -23.63 8.66 -9.61
CA GLU A 155 -22.97 9.86 -10.18
C GLU A 155 -21.43 9.74 -10.33
N ASN A 156 -20.80 8.85 -9.56
CA ASN A 156 -19.36 8.79 -9.45
C ASN A 156 -18.82 7.43 -9.86
N ALA A 157 -19.53 6.71 -10.72
CA ALA A 157 -19.20 5.30 -11.04
C ALA A 157 -18.23 5.24 -12.19
N ARG A 158 -18.61 5.83 -13.33
CA ARG A 158 -17.76 5.94 -14.50
C ARG A 158 -17.66 7.44 -14.86
N PRO A 159 -17.00 8.25 -13.98
CA PRO A 159 -16.89 9.72 -14.15
C PRO A 159 -15.96 10.15 -15.31
N LYS A 160 -16.41 11.09 -16.16
CA LYS A 160 -15.58 11.69 -17.24
C LYS A 160 -15.05 13.12 -16.86
N PRO A 161 -13.70 13.33 -16.82
CA PRO A 161 -13.20 14.70 -16.83
C PRO A 161 -13.82 15.54 -17.97
N LYS A 162 -14.43 16.67 -17.61
CA LYS A 162 -14.88 17.69 -18.56
C LYS A 162 -13.91 18.87 -18.40
N PRO A 163 -12.67 18.72 -18.91
CA PRO A 163 -11.66 19.75 -18.72
C PRO A 163 -11.93 20.94 -19.62
N GLY A 164 -11.26 22.07 -19.35
CA GLY A 164 -11.38 23.29 -20.16
C GLY A 164 -10.48 23.26 -21.40
N ASP A 165 -10.52 24.37 -22.14
CA ASP A 165 -9.60 24.58 -23.28
C ASP A 165 -8.14 24.65 -22.76
N GLY A 166 -7.24 23.91 -23.40
CA GLY A 166 -5.85 23.86 -22.93
C GLY A 166 -5.61 22.99 -21.69
N GLU A 167 -6.64 22.27 -21.22
CA GLU A 167 -6.53 21.38 -20.05
C GLU A 167 -6.60 19.95 -20.56
N PHE A 168 -5.66 19.12 -20.10
CA PHE A 168 -5.51 17.72 -20.56
C PHE A 168 -4.94 16.90 -19.39
N VAL A 169 -5.85 16.35 -18.61
CA VAL A 169 -5.59 15.85 -17.26
C VAL A 169 -5.85 14.35 -17.19
N GLU A 170 -4.97 13.65 -16.51
CA GLU A 170 -5.10 12.23 -16.30
C GLU A 170 -5.38 12.05 -14.82
N VAL A 171 -6.27 11.12 -14.49
CA VAL A 171 -6.66 10.90 -13.11
C VAL A 171 -5.95 9.69 -12.58
N ILE A 172 -5.41 9.80 -11.38
CA ILE A 172 -4.69 8.71 -10.76
C ILE A 172 -5.17 8.57 -9.33
N SER A 173 -5.78 7.43 -8.98
CA SER A 173 -6.29 7.19 -7.61
C SER A 173 -5.42 6.23 -6.84
N LEU A 174 -4.91 6.62 -5.69
CA LEU A 174 -3.94 5.83 -4.95
C LEU A 174 -4.47 5.62 -3.54
N PRO A 175 -4.30 4.39 -2.98
CA PRO A 175 -4.67 4.19 -1.61
C PRO A 175 -3.98 5.08 -0.67
N LYS A 176 -4.77 5.65 0.19
CA LYS A 176 -4.29 6.50 1.25
C LYS A 176 -3.30 5.75 2.14
N ASN A 177 -3.59 4.47 2.37
CA ASN A 177 -2.83 3.65 3.25
C ASN A 177 -1.48 3.31 2.66
N ASP A 178 -1.23 3.57 1.37
CA ASP A 178 0.12 3.29 0.79
C ASP A 178 0.59 4.44 -0.10
N LEU A 179 0.14 5.66 0.21
CA LEU A 179 0.33 6.79 -0.71
C LEU A 179 1.82 7.01 -1.08
N LEU A 180 2.67 7.13 -0.08
CA LEU A 180 4.06 7.45 -0.30
C LEU A 180 4.73 6.42 -1.22
N GLN A 181 4.45 5.11 -1.07
CA GLN A 181 5.16 4.11 -1.88
C GLN A 181 4.60 4.08 -3.25
N ARG A 182 3.32 4.43 -3.37
CA ARG A 182 2.72 4.36 -4.68
C ARG A 182 3.21 5.53 -5.52
N LEU A 183 3.43 6.67 -4.86
CA LEU A 183 4.02 7.84 -5.49
C LEU A 183 5.47 7.54 -5.90
N ASP A 184 6.23 6.95 -5.00
CA ASP A 184 7.61 6.48 -5.34
C ASP A 184 7.62 5.51 -6.51
N ALA A 185 6.68 4.58 -6.55
CA ALA A 185 6.67 3.62 -7.65
C ALA A 185 6.37 4.28 -9.03
N LEU A 186 5.52 5.31 -9.02
CA LEU A 186 5.29 6.16 -10.19
C LEU A 186 6.49 7.03 -10.60
N VAL A 187 7.19 7.59 -9.63
CA VAL A 187 8.42 8.34 -9.89
C VAL A 187 9.46 7.39 -10.53
N ALA A 188 9.56 6.15 -10.01
CA ALA A 188 10.51 5.17 -10.57
C ALA A 188 10.17 4.67 -12.00
N GLU A 189 8.88 4.61 -12.34
CA GLU A 189 8.40 4.12 -13.66
C GLU A 189 8.45 5.08 -14.84
N GLU A 190 8.24 6.39 -14.59
CA GLU A 190 8.29 7.42 -15.63
C GLU A 190 9.07 8.67 -15.19
N HIS A 191 9.29 9.56 -16.16
CA HIS A 191 9.87 10.88 -15.88
C HIS A 191 8.77 11.85 -15.50
N LEU A 192 8.66 12.14 -14.22
CA LEU A 192 7.59 12.99 -13.74
C LEU A 192 7.91 13.47 -12.35
N THR A 193 7.21 14.51 -11.92
CA THR A 193 7.48 15.20 -10.67
C THR A 193 6.22 15.21 -9.79
N VAL A 194 6.42 15.00 -8.51
CA VAL A 194 5.35 14.96 -7.59
C VAL A 194 5.34 16.32 -6.98
N ASP A 195 4.14 16.85 -6.81
CA ASP A 195 3.98 18.14 -6.17
C ASP A 195 4.37 18.05 -4.73
N ALA A 196 4.95 19.13 -4.22
CA ALA A 196 5.40 19.14 -2.87
C ALA A 196 4.31 19.07 -1.78
N ARG A 197 3.13 19.56 -2.11
CA ARG A 197 2.01 19.42 -1.19
C ARG A 197 1.52 17.95 -1.13
N VAL A 198 1.45 17.31 -2.27
CA VAL A 198 1.15 15.92 -2.34
C VAL A 198 2.19 15.09 -1.60
N TYR A 199 3.47 15.47 -1.69
CA TYR A 199 4.50 14.65 -1.08
C TYR A 199 4.41 14.84 0.42
N SER A 200 4.17 16.06 0.85
CA SER A 200 4.02 16.37 2.28
C SER A 200 2.92 15.59 2.96
N TYR A 201 1.79 15.55 2.28
CA TYR A 201 0.63 14.76 2.68
C TYR A 201 0.93 13.29 2.76
N ALA A 202 1.49 12.69 1.70
CA ALA A 202 1.96 11.33 1.73
C ALA A 202 2.96 10.98 2.84
N LEU A 203 3.90 11.87 3.15
CA LEU A 203 4.85 11.68 4.26
C LEU A 203 4.14 11.70 5.61
N ALA A 204 3.26 12.70 5.83
CA ALA A 204 2.51 12.69 7.09
C ALA A 204 1.62 11.44 7.21
N LEU A 205 1.04 10.91 6.14
CA LEU A 205 0.30 9.68 6.27
C LEU A 205 1.25 8.60 6.80
N LYS A 206 2.44 8.49 6.19
CA LYS A 206 3.46 7.62 6.71
C LYS A 206 3.82 7.87 8.17
N HIS A 207 4.12 9.11 8.52
CA HIS A 207 4.64 9.46 9.83
C HIS A 207 3.59 9.32 10.95
N ALA A 208 2.30 9.31 10.59
CA ALA A 208 1.30 8.97 11.57
C ALA A 208 1.36 7.45 11.80
N LYS B 15 3.81 13.18 -25.31
CA LYS B 15 2.82 13.84 -26.20
C LYS B 15 2.94 15.36 -26.15
N GLN B 16 3.16 15.95 -24.95
CA GLN B 16 3.38 17.41 -24.86
C GLN B 16 4.86 17.70 -24.57
N TYR B 17 5.34 18.84 -25.02
CA TYR B 17 6.73 19.19 -24.77
C TYR B 17 6.96 20.66 -25.02
N ILE B 18 8.13 21.11 -24.59
CA ILE B 18 8.59 22.47 -24.76
C ILE B 18 9.18 22.66 -26.18
N ILE B 19 8.76 23.71 -26.86
CA ILE B 19 9.34 24.09 -28.14
C ILE B 19 10.47 25.11 -27.94
N SER B 20 10.22 26.17 -27.16
CA SER B 20 11.18 27.23 -26.88
C SER B 20 10.80 28.07 -25.70
N GLU B 21 11.80 28.72 -25.13
CA GLU B 21 11.60 29.56 -23.94
C GLU B 21 12.18 30.91 -24.28
N GLU B 22 11.35 31.92 -24.24
CA GLU B 22 11.76 33.31 -24.49
C GLU B 22 11.90 34.06 -23.16
N LEU B 23 13.09 34.57 -22.87
CA LEU B 23 13.26 35.47 -21.76
C LEU B 23 12.42 36.73 -21.88
N ILE B 24 11.58 37.02 -20.91
CA ILE B 24 10.84 38.29 -20.87
C ILE B 24 11.61 39.26 -19.98
N SER B 25 12.18 38.79 -18.89
CA SER B 25 12.72 39.70 -17.86
C SER B 25 13.56 38.89 -16.87
N GLU B 26 14.71 39.41 -16.44
CA GLU B 26 15.66 38.66 -15.64
C GLU B 26 16.16 39.55 -14.59
N GLY B 27 15.94 39.17 -13.34
CA GLY B 27 16.49 39.88 -12.20
C GLY B 27 17.71 39.14 -11.72
N LYS B 28 18.12 39.48 -10.51
CA LYS B 28 19.23 38.82 -9.86
C LYS B 28 18.81 37.43 -9.41
N TRP B 29 17.54 37.23 -9.01
CA TRP B 29 17.07 36.00 -8.35
C TRP B 29 16.01 35.21 -9.11
N VAL B 30 15.32 35.90 -10.02
CA VAL B 30 14.08 35.44 -10.53
C VAL B 30 13.99 35.99 -11.95
N LYS B 31 13.52 35.18 -12.86
CA LYS B 31 13.24 35.60 -14.19
C LYS B 31 11.88 35.08 -14.64
N LEU B 32 11.34 35.78 -15.62
CA LEU B 32 10.05 35.52 -16.16
C LEU B 32 10.29 35.18 -17.59
N GLU B 33 9.71 34.06 -18.06
CA GLU B 33 9.86 33.60 -19.42
C GLU B 33 8.50 33.37 -20.05
N LYS B 34 8.47 33.30 -21.37
CA LYS B 34 7.29 32.90 -22.09
C LYS B 34 7.65 31.59 -22.78
N THR B 35 6.98 30.52 -22.39
CA THR B 35 7.26 29.20 -22.83
C THR B 35 6.37 28.88 -23.98
N THR B 36 6.96 28.42 -25.09
CA THR B 36 6.10 27.87 -26.14
C THR B 36 6.06 26.33 -26.03
N TYR B 37 4.86 25.72 -26.12
CA TYR B 37 4.75 24.25 -25.98
C TYR B 37 3.70 23.69 -26.89
N MET B 38 3.86 22.41 -27.13
CA MET B 38 3.03 21.69 -28.06
C MET B 38 1.98 21.07 -27.17
N ASP B 39 0.75 21.50 -27.33
CA ASP B 39 -0.38 20.90 -26.64
C ASP B 39 -0.68 19.54 -27.27
N PRO B 40 -1.43 18.69 -26.58
CA PRO B 40 -1.59 17.33 -27.09
C PRO B 40 -2.42 17.24 -28.38
N THR B 41 -3.28 18.22 -28.65
CA THR B 41 -3.99 18.27 -29.93
C THR B 41 -3.12 18.62 -31.15
N GLY B 42 -1.81 18.91 -30.96
CA GLY B 42 -0.90 19.34 -32.06
C GLY B 42 -0.82 20.85 -32.27
N LYS B 43 -1.41 21.62 -31.35
CA LYS B 43 -1.51 23.08 -31.40
C LYS B 43 -0.48 23.68 -30.44
N THR B 44 0.16 24.75 -30.92
CA THR B 44 1.20 25.45 -30.21
C THR B 44 0.55 26.47 -29.31
N ARG B 45 1.07 26.55 -28.09
CA ARG B 45 0.49 27.36 -27.00
C ARG B 45 1.61 28.00 -26.22
N THR B 46 1.29 29.08 -25.51
CA THR B 46 2.30 29.72 -24.69
C THR B 46 1.90 29.80 -23.24
N TRP B 47 2.90 29.97 -22.39
CA TRP B 47 2.73 29.99 -20.94
C TRP B 47 3.67 30.96 -20.33
N GLU B 48 3.20 31.68 -19.33
CA GLU B 48 4.10 32.59 -18.61
C GLU B 48 4.64 31.84 -17.40
N SER B 49 5.97 31.72 -17.36
CA SER B 49 6.69 30.83 -16.43
C SER B 49 7.74 31.60 -15.66
N VAL B 50 7.90 31.25 -14.41
CA VAL B 50 8.89 31.85 -13.57
C VAL B 50 9.93 30.79 -13.29
N LYS B 51 11.18 31.22 -13.28
CA LYS B 51 12.30 30.40 -12.85
C LYS B 51 13.20 31.22 -11.98
N ARG B 52 13.89 30.52 -11.07
CA ARG B 52 14.98 31.15 -10.36
C ARG B 52 16.19 31.22 -11.27
N THR B 53 17.08 32.18 -11.00
CA THR B 53 18.35 32.33 -11.75
C THR B 53 19.52 31.66 -11.02
N THR B 54 19.23 30.97 -9.92
CA THR B 54 20.27 30.45 -9.05
C THR B 54 20.48 28.92 -9.16
N ARG B 55 19.70 28.17 -9.93
CA ARG B 55 19.81 26.68 -9.94
C ARG B 55 21.13 26.20 -10.63
N LYS B 56 21.74 25.09 -10.14
CA LYS B 56 23.12 24.63 -10.54
C LYS B 56 23.22 23.35 -11.37
N GLN B 58 22.63 21.39 -9.21
CA GLN B 58 21.77 20.94 -8.11
C GLN B 58 20.56 20.12 -8.63
N THR B 59 20.21 19.11 -7.84
CA THR B 59 19.00 18.26 -7.99
C THR B 59 17.69 19.00 -7.86
N ALA B 60 17.73 20.19 -7.26
CA ALA B 60 16.55 21.00 -6.94
C ALA B 60 17.03 22.36 -6.54
N ASP B 61 16.11 23.33 -6.54
CA ASP B 61 16.50 24.66 -6.07
C ASP B 61 16.84 24.65 -4.58
N GLY B 62 16.06 23.90 -3.81
CA GLY B 62 16.06 24.07 -2.35
C GLY B 62 15.75 22.81 -1.61
N VAL B 63 15.74 22.95 -0.28
CA VAL B 63 15.31 21.94 0.62
C VAL B 63 14.29 22.56 1.60
N ALA B 64 13.33 21.75 1.99
CA ALA B 64 12.54 22.01 3.16
C ALA B 64 12.70 20.84 4.14
N VAL B 65 12.85 21.17 5.39
CA VAL B 65 13.09 20.20 6.41
C VAL B 65 11.84 20.00 7.25
N ILE B 66 11.39 18.76 7.36
CA ILE B 66 10.43 18.41 8.40
C ILE B 66 11.20 17.99 9.68
N PRO B 67 11.28 18.89 10.70
CA PRO B 67 12.13 18.55 11.82
C PRO B 67 11.26 18.05 12.99
N VAL B 68 11.48 16.81 13.36
CA VAL B 68 10.73 16.11 14.37
C VAL B 68 11.50 16.15 15.70
N LEU B 69 11.06 17.04 16.57
CA LEU B 69 11.73 17.24 17.85
C LEU B 69 11.26 16.20 18.84
N GLN B 70 12.12 15.23 19.09
CA GLN B 70 11.85 14.14 20.06
C GLN B 70 12.50 14.37 21.42
N ARG B 71 11.70 14.67 22.45
CA ARG B 71 12.13 14.77 23.84
C ARG B 71 11.30 13.77 24.69
N THR B 72 11.98 12.94 25.48
CA THR B 72 11.27 11.96 26.32
C THR B 72 10.36 12.63 27.33
N LEU B 73 9.22 11.98 27.57
CA LEU B 73 8.12 12.47 28.42
C LEU B 73 7.49 13.78 27.97
N HIS B 74 7.58 14.02 26.67
CA HIS B 74 6.99 15.20 26.06
C HIS B 74 6.35 14.79 24.80
N TYR B 75 5.38 15.57 24.34
CA TYR B 75 4.89 15.28 23.00
C TYR B 75 5.94 15.48 21.93
N GLU B 76 5.95 14.60 20.94
CA GLU B 76 6.73 14.82 19.74
C GLU B 76 6.29 16.12 19.09
N CYS B 77 7.25 17.00 18.76
CA CYS B 77 6.95 18.29 18.13
C CYS B 77 7.51 18.38 16.68
N ILE B 78 6.91 19.29 15.92
CA ILE B 78 7.35 19.59 14.57
C ILE B 78 7.82 20.99 14.74
N VAL B 79 9.07 21.21 14.35
CA VAL B 79 9.71 22.53 14.47
C VAL B 79 9.47 23.38 13.21
N LEU B 80 8.95 24.57 13.41
CA LEU B 80 8.61 25.47 12.33
C LEU B 80 9.21 26.81 12.54
N VAL B 81 9.28 27.57 11.46
CA VAL B 81 9.87 28.90 11.50
C VAL B 81 8.87 29.92 11.04
N LYS B 82 8.96 31.10 11.62
CA LYS B 82 8.12 32.24 11.26
C LYS B 82 9.07 33.38 10.84
N GLN B 83 8.79 33.96 9.67
CA GLN B 83 9.61 35.01 9.06
C GLN B 83 8.71 35.91 8.26
N PHE B 84 9.20 37.13 8.05
CA PHE B 84 8.54 38.09 7.20
C PHE B 84 8.95 37.66 5.81
N ARG B 85 7.96 37.54 4.95
CA ARG B 85 8.19 37.16 3.56
C ARG B 85 7.77 38.30 2.69
N PRO B 86 8.75 39.02 2.12
CA PRO B 86 8.45 40.23 1.33
C PRO B 86 7.46 40.00 0.19
N PRO B 87 7.50 38.86 -0.50
CA PRO B 87 6.49 38.70 -1.53
C PRO B 87 5.11 38.56 -0.98
N MET B 88 4.99 37.98 0.22
CA MET B 88 3.73 37.87 0.90
C MET B 88 3.32 39.18 1.56
N GLY B 89 4.29 39.97 1.99
CA GLY B 89 4.02 41.21 2.62
C GLY B 89 3.52 41.00 4.02
N GLY B 90 3.89 39.88 4.62
CA GLY B 90 3.55 39.57 5.98
C GLY B 90 4.35 38.38 6.43
N TYR B 91 4.02 37.94 7.63
CA TYR B 91 4.72 36.84 8.28
C TYR B 91 4.08 35.50 7.97
N CYS B 92 4.92 34.47 7.77
CA CYS B 92 4.54 33.14 7.35
C CYS B 92 5.16 32.09 8.26
N ILE B 93 4.44 31.01 8.43
CA ILE B 93 4.88 29.88 9.21
C ILE B 93 5.22 28.78 8.23
N GLU B 94 6.44 28.28 8.32
CA GLU B 94 6.98 27.35 7.31
C GLU B 94 7.90 26.28 7.89
N PHE B 95 8.11 25.20 7.14
CA PHE B 95 9.22 24.32 7.51
C PHE B 95 10.51 25.09 7.32
N PRO B 96 11.52 24.84 8.15
CA PRO B 96 12.83 25.42 7.85
C PRO B 96 13.31 25.01 6.48
N ALA B 97 13.94 25.96 5.79
CA ALA B 97 14.25 25.76 4.39
C ALA B 97 15.23 26.80 3.88
N GLY B 98 15.99 26.39 2.86
CA GLY B 98 16.69 27.32 2.03
C GLY B 98 17.16 26.69 0.72
N LEU B 99 17.80 27.53 -0.06
CA LEU B 99 18.44 27.11 -1.29
C LEU B 99 19.64 26.22 -1.01
N ILE B 100 19.82 25.24 -1.85
CA ILE B 100 20.94 24.32 -1.75
C ILE B 100 22.20 24.99 -2.37
N ASP B 101 23.25 25.19 -1.58
CA ASP B 101 24.53 25.71 -2.10
C ASP B 101 25.09 24.88 -3.30
N ASP B 102 25.78 25.57 -4.21
CA ASP B 102 26.43 24.93 -5.37
C ASP B 102 27.37 23.85 -4.87
N GLY B 103 27.09 22.59 -5.23
CA GLY B 103 27.89 21.45 -4.80
C GLY B 103 27.66 21.11 -3.33
N GLU B 104 26.45 21.37 -2.83
CA GLU B 104 25.97 20.81 -1.57
C GLU B 104 24.98 19.67 -1.90
N THR B 105 24.97 18.65 -1.09
CA THR B 105 23.95 17.63 -1.21
C THR B 105 22.63 18.12 -0.54
N PRO B 106 21.48 17.57 -0.97
CA PRO B 106 20.19 17.94 -0.31
C PRO B 106 20.21 17.65 1.20
N GLU B 107 20.73 16.48 1.56
CA GLU B 107 20.85 16.11 2.98
C GLU B 107 21.66 17.09 3.80
N ALA B 108 22.67 17.71 3.19
CA ALA B 108 23.57 18.58 3.93
C ALA B 108 23.03 19.96 4.00
N ALA B 109 22.36 20.39 2.93
CA ALA B 109 21.60 21.66 2.96
C ALA B 109 20.57 21.63 4.06
N ALA B 110 19.90 20.48 4.17
CA ALA B 110 18.85 20.25 5.19
C ALA B 110 19.36 20.41 6.59
N LEU B 111 20.45 19.72 6.94
CA LEU B 111 21.03 19.84 8.29
C LEU B 111 21.58 21.20 8.51
N ARG B 112 22.20 21.77 7.51
CA ARG B 112 22.76 23.10 7.64
C ARG B 112 21.64 24.09 7.87
N GLU B 113 20.64 24.09 6.98
CA GLU B 113 19.55 25.08 7.08
C GLU B 113 18.84 24.94 8.41
N LEU B 114 18.59 23.69 8.79
CA LEU B 114 17.94 23.43 10.03
C LEU B 114 18.73 24.04 11.16
N GLU B 115 20.03 23.86 11.15
CA GLU B 115 20.84 24.51 12.17
C GLU B 115 20.82 26.00 12.14
N GLU B 116 20.98 26.60 10.96
CA GLU B 116 21.04 28.06 10.90
C GLU B 116 19.73 28.71 11.33
N GLU B 117 18.64 28.05 10.99
CA GLU B 117 17.34 28.66 11.20
C GLU B 117 16.80 28.45 12.62
N THR B 118 17.12 27.30 13.19
CA THR B 118 16.56 26.87 14.49
C THR B 118 17.58 26.63 15.59
N GLY B 119 18.86 26.52 15.20
CA GLY B 119 19.87 26.04 16.10
C GLY B 119 19.88 24.56 16.38
N TYR B 120 18.91 23.77 15.87
CA TYR B 120 18.88 22.35 16.16
C TYR B 120 19.80 21.55 15.25
N LYS B 121 20.42 20.53 15.86
CA LYS B 121 21.29 19.58 15.21
C LYS B 121 20.52 18.31 15.15
N GLY B 122 20.29 17.85 13.94
CA GLY B 122 19.45 16.69 13.72
C GLY B 122 20.09 15.62 12.88
N ASP B 123 19.34 14.55 12.69
CA ASP B 123 19.76 13.39 11.92
C ASP B 123 18.77 13.13 10.76
N ILE B 124 19.29 12.72 9.62
CA ILE B 124 18.48 12.49 8.43
C ILE B 124 17.71 11.23 8.66
N ALA B 125 16.40 11.29 8.40
CA ALA B 125 15.57 10.11 8.41
C ALA B 125 15.32 9.67 6.99
N GLU B 126 14.92 10.60 6.12
CA GLU B 126 14.65 10.28 4.73
C GLU B 126 14.67 11.57 3.91
N CYS B 127 14.67 11.42 2.60
CA CYS B 127 14.83 12.55 1.70
C CYS B 127 14.04 12.28 0.44
N SER B 128 13.14 13.20 0.10
CA SER B 128 12.32 12.99 -1.08
C SER B 128 13.11 13.18 -2.37
N PRO B 129 12.60 12.63 -3.46
CA PRO B 129 12.99 13.22 -4.73
C PRO B 129 12.65 14.72 -4.86
N ALA B 130 13.15 15.32 -5.92
CA ALA B 130 12.87 16.73 -6.15
C ALA B 130 11.31 16.86 -6.41
N VAL B 131 10.62 17.72 -5.67
CA VAL B 131 9.17 17.89 -5.80
C VAL B 131 8.88 19.35 -6.14
N CYS B 132 7.83 19.60 -6.90
CA CYS B 132 7.57 20.94 -7.35
C CYS B 132 6.75 21.81 -6.38
N MET B 133 7.07 23.09 -6.36
CA MET B 133 6.46 24.02 -5.44
C MET B 133 5.15 24.61 -5.98
N ASP B 134 5.08 24.96 -7.26
CA ASP B 134 3.91 25.58 -7.83
C ASP B 134 4.08 25.44 -9.34
N PRO B 135 3.73 24.27 -9.89
CA PRO B 135 4.27 23.94 -11.25
C PRO B 135 3.46 24.55 -12.40
N GLY B 136 2.31 25.18 -12.05
CA GLY B 136 1.49 25.98 -12.97
C GLY B 136 2.06 27.37 -13.13
N LEU B 137 3.03 27.68 -12.27
CA LEU B 137 3.62 28.99 -12.23
C LEU B 137 5.12 29.00 -12.49
N SER B 138 5.84 28.04 -11.92
CA SER B 138 7.30 28.01 -11.85
C SER B 138 7.86 26.67 -11.98
N ASN B 139 9.14 26.61 -12.20
CA ASN B 139 9.87 25.36 -12.24
C ASN B 139 10.50 25.08 -10.88
N CYS B 140 10.14 25.83 -9.82
CA CYS B 140 10.88 25.68 -8.57
C CYS B 140 10.64 24.32 -7.97
N THR B 141 11.73 23.67 -7.55
CA THR B 141 11.61 22.36 -6.90
C THR B 141 12.42 22.34 -5.60
N ILE B 142 12.11 21.37 -4.77
CA ILE B 142 12.80 21.20 -3.49
C ILE B 142 12.90 19.74 -3.18
N HIS B 143 13.84 19.40 -2.31
CA HIS B 143 13.83 18.11 -1.68
C HIS B 143 13.19 18.31 -0.31
N ILE B 144 12.25 17.46 0.04
CA ILE B 144 11.73 17.47 1.40
C ILE B 144 12.52 16.49 2.28
N VAL B 145 13.14 16.98 3.33
CA VAL B 145 14.04 16.18 4.12
C VAL B 145 13.51 16.03 5.55
N THR B 146 13.10 14.80 5.90
CA THR B 146 12.63 14.47 7.24
C THR B 146 13.85 14.22 8.09
N VAL B 147 13.85 14.88 9.24
CA VAL B 147 14.99 14.91 10.11
C VAL B 147 14.45 14.79 11.52
N THR B 148 15.04 13.92 12.32
CA THR B 148 14.69 13.86 13.75
C THR B 148 15.75 14.59 14.54
N ILE B 149 15.33 15.20 15.64
CA ILE B 149 16.18 15.98 16.50
C ILE B 149 16.07 15.43 17.93
N ASN B 150 17.21 15.06 18.51
CA ASN B 150 17.19 14.38 19.79
C ASN B 150 17.23 15.49 20.71
N GLY B 151 16.04 15.86 21.16
CA GLY B 151 15.91 17.04 22.00
C GLY B 151 16.54 16.78 23.36
N ASP B 152 16.90 15.53 23.66
CA ASP B 152 17.55 15.18 24.98
C ASP B 152 19.10 15.23 24.99
N ASP B 153 19.74 15.48 23.85
CA ASP B 153 21.22 15.58 23.75
C ASP B 153 21.61 16.99 24.13
N ALA B 154 22.82 17.15 24.68
CA ALA B 154 23.27 18.45 25.15
C ALA B 154 23.38 19.49 24.04
N GLU B 155 23.61 19.07 22.80
CA GLU B 155 23.73 20.02 21.70
C GLU B 155 22.42 20.71 21.32
N ASN B 156 21.29 20.12 21.71
CA ASN B 156 19.97 20.67 21.43
C ASN B 156 19.34 21.23 22.72
N ALA B 157 20.14 21.45 23.77
CA ALA B 157 19.63 22.03 25.01
C ALA B 157 19.24 23.50 24.84
N ARG B 158 20.22 24.32 24.43
CA ARG B 158 19.99 25.74 24.18
C ARG B 158 20.32 25.96 22.71
N PRO B 159 19.46 25.43 21.81
CA PRO B 159 19.81 25.47 20.37
C PRO B 159 20.22 26.90 19.90
N LYS B 160 21.40 27.01 19.25
CA LYS B 160 21.99 28.30 18.86
C LYS B 160 21.66 28.64 17.39
N PRO B 161 20.63 29.50 17.13
CA PRO B 161 20.29 29.80 15.73
C PRO B 161 21.28 30.80 15.12
N LYS B 162 21.99 30.37 14.08
CA LYS B 162 22.96 31.23 13.38
C LYS B 162 22.37 31.66 12.01
N PRO B 163 21.54 32.73 12.01
CA PRO B 163 20.90 33.12 10.77
C PRO B 163 21.87 33.71 9.76
N GLY B 164 21.57 33.56 8.48
CA GLY B 164 22.32 34.27 7.44
C GLY B 164 22.14 35.78 7.55
N ASP B 165 22.84 36.50 6.69
CA ASP B 165 22.68 37.93 6.62
C ASP B 165 21.28 38.24 6.07
N GLY B 166 20.55 39.11 6.75
CA GLY B 166 19.18 39.45 6.33
C GLY B 166 18.07 38.44 6.62
N GLU B 167 18.39 37.34 7.32
CA GLU B 167 17.37 36.40 7.79
C GLU B 167 17.15 36.68 9.28
N PHE B 168 15.88 36.74 9.64
CA PHE B 168 15.43 36.98 11.01
C PHE B 168 14.23 36.04 11.18
N VAL B 169 14.44 34.99 11.97
CA VAL B 169 13.56 33.83 11.97
C VAL B 169 13.12 33.56 13.43
N GLU B 170 11.81 33.43 13.68
CA GLU B 170 11.33 32.97 15.00
C GLU B 170 11.05 31.48 14.89
N VAL B 171 11.34 30.75 15.97
CA VAL B 171 11.21 29.30 15.95
C VAL B 171 9.95 28.92 16.72
N ILE B 172 9.12 28.07 16.13
CA ILE B 172 7.82 27.68 16.69
C ILE B 172 7.72 26.15 16.66
N SER B 173 7.73 25.53 17.84
CA SER B 173 7.56 24.10 18.00
C SER B 173 6.15 23.72 18.40
N LEU B 174 5.50 22.95 17.57
CA LEU B 174 4.12 22.58 17.79
C LEU B 174 4.02 21.08 17.89
N PRO B 175 3.19 20.58 18.84
CA PRO B 175 3.01 19.14 18.96
C PRO B 175 2.47 18.55 17.69
N LYS B 176 3.16 17.53 17.20
CA LYS B 176 2.74 16.77 16.03
C LYS B 176 1.28 16.23 16.08
N ASN B 177 0.90 15.63 17.21
CA ASN B 177 -0.41 14.98 17.32
C ASN B 177 -1.60 15.98 17.36
N ASP B 178 -1.34 17.28 17.56
CA ASP B 178 -2.37 18.32 17.44
C ASP B 178 -2.07 19.42 16.38
N LEU B 179 -1.16 19.16 15.43
CA LEU B 179 -0.55 20.24 14.63
C LEU B 179 -1.58 21.08 13.89
N LEU B 180 -2.52 20.45 13.22
CA LEU B 180 -3.45 21.21 12.42
C LEU B 180 -4.31 22.18 13.29
N GLN B 181 -4.85 21.67 14.39
CA GLN B 181 -5.60 22.55 15.32
C GLN B 181 -4.70 23.66 15.82
N ARG B 182 -3.43 23.35 16.15
CA ARG B 182 -2.54 24.41 16.58
C ARG B 182 -2.26 25.50 15.53
N LEU B 183 -2.07 25.10 14.29
CA LEU B 183 -1.85 26.02 13.22
C LEU B 183 -3.07 26.93 13.01
N ASP B 184 -4.24 26.32 12.98
CA ASP B 184 -5.51 27.08 12.85
C ASP B 184 -5.61 28.12 13.98
N ALA B 185 -5.23 27.73 15.19
CA ALA B 185 -5.23 28.67 16.31
C ALA B 185 -4.28 29.82 16.05
N LEU B 186 -3.07 29.51 15.57
CA LEU B 186 -2.10 30.57 15.25
C LEU B 186 -2.59 31.51 14.20
N VAL B 187 -3.19 31.00 13.14
CA VAL B 187 -3.67 31.88 12.08
C VAL B 187 -4.82 32.81 12.54
N ALA B 188 -5.78 32.22 13.24
CA ALA B 188 -6.91 33.00 13.74
C ALA B 188 -6.47 34.02 14.76
N GLU B 189 -5.52 33.65 15.59
CA GLU B 189 -5.14 34.54 16.68
C GLU B 189 -4.06 35.53 16.30
N GLU B 190 -3.41 35.39 15.13
CA GLU B 190 -2.14 36.16 14.87
C GLU B 190 -1.89 36.79 13.48
N HIS B 191 -2.82 36.60 12.54
CA HIS B 191 -2.69 37.04 11.15
C HIS B 191 -1.46 36.51 10.35
N LEU B 192 -0.88 35.38 10.76
CA LEU B 192 0.19 34.72 10.00
C LEU B 192 -0.42 34.00 8.81
N THR B 193 0.38 33.69 7.77
CA THR B 193 -0.06 32.77 6.71
C THR B 193 0.72 31.48 6.88
N VAL B 194 0.05 30.33 6.79
CA VAL B 194 0.69 29.08 7.04
C VAL B 194 1.10 28.62 5.64
N ASP B 195 2.26 28.01 5.56
CA ASP B 195 2.74 27.47 4.34
C ASP B 195 1.89 26.33 3.90
N ALA B 196 1.73 26.18 2.59
CA ALA B 196 0.86 25.11 2.08
C ALA B 196 1.38 23.65 2.31
N ARG B 197 2.71 23.45 2.26
CA ARG B 197 3.27 22.19 2.55
C ARG B 197 3.09 21.86 4.03
N VAL B 198 3.31 22.84 4.90
CA VAL B 198 3.08 22.61 6.34
C VAL B 198 1.61 22.24 6.59
N TYR B 199 0.69 22.98 5.99
CA TYR B 199 -0.74 22.72 6.18
C TYR B 199 -1.15 21.37 5.65
N SER B 200 -0.57 20.94 4.50
CA SER B 200 -0.80 19.64 3.95
C SER B 200 -0.38 18.46 4.82
N TYR B 201 0.80 18.61 5.38
CA TYR B 201 1.39 17.68 6.34
C TYR B 201 0.42 17.56 7.54
N ALA B 202 0.07 18.71 8.13
CA ALA B 202 -0.85 18.74 9.23
C ALA B 202 -2.21 18.07 8.98
N LEU B 203 -2.79 18.31 7.79
CA LEU B 203 -4.00 17.66 7.34
C LEU B 203 -3.84 16.17 7.33
N ALA B 204 -2.80 15.64 6.66
CA ALA B 204 -2.64 14.22 6.58
C ALA B 204 -2.41 13.62 7.99
N LEU B 205 -1.79 14.32 8.91
CA LEU B 205 -1.71 13.77 10.26
C LEU B 205 -3.12 13.49 10.78
N LYS B 206 -4.11 14.33 10.44
CA LYS B 206 -5.49 14.12 10.87
C LYS B 206 -6.20 13.05 10.02
N HIS B 207 -6.00 13.11 8.71
CA HIS B 207 -6.64 12.16 7.84
C HIS B 207 -6.16 10.68 7.95
N ALA B 208 -5.01 10.46 8.59
CA ALA B 208 -4.43 9.14 8.75
C ALA B 208 -5.33 8.22 9.56
N ASN B 209 -5.39 6.99 9.05
CA ASN B 209 -5.84 5.75 9.72
C ASN B 209 -7.31 5.53 9.39
N GLN C 16 -22.48 -8.28 3.57
CA GLN C 16 -22.54 -9.22 4.73
C GLN C 16 -21.61 -8.75 5.82
N TYR C 17 -21.89 -9.06 7.09
CA TYR C 17 -20.99 -8.69 8.18
C TYR C 17 -21.22 -9.54 9.41
N ILE C 18 -20.25 -9.51 10.33
CA ILE C 18 -20.30 -10.27 11.57
C ILE C 18 -21.14 -9.55 12.63
N ILE C 19 -22.13 -10.25 13.18
CA ILE C 19 -23.00 -9.70 14.28
C ILE C 19 -22.35 -10.01 15.63
N SER C 20 -21.86 -11.23 15.80
CA SER C 20 -21.21 -11.62 17.05
C SER C 20 -20.40 -12.89 16.90
N GLU C 21 -19.42 -13.01 17.78
CA GLU C 21 -18.55 -14.18 17.88
C GLU C 21 -18.77 -14.66 19.31
N GLU C 22 -19.35 -15.87 19.46
CA GLU C 22 -19.63 -16.50 20.76
C GLU C 22 -18.68 -17.68 20.99
N LEU C 23 -18.17 -17.81 22.21
CA LEU C 23 -17.11 -18.78 22.49
C LEU C 23 -17.73 -20.15 22.86
N ILE C 24 -17.40 -21.22 22.13
CA ILE C 24 -17.84 -22.60 22.43
C ILE C 24 -16.84 -23.29 23.37
N SER C 25 -15.54 -23.27 23.04
CA SER C 25 -14.48 -23.96 23.81
C SER C 25 -13.12 -23.34 23.53
N GLU C 26 -12.31 -23.08 24.56
CA GLU C 26 -11.00 -22.48 24.37
C GLU C 26 -9.98 -23.35 25.03
N GLY C 27 -9.15 -23.98 24.19
CA GLY C 27 -7.91 -24.59 24.59
C GLY C 27 -6.81 -23.58 24.81
N LYS C 28 -5.60 -24.07 25.04
CA LYS C 28 -4.38 -23.25 25.06
C LYS C 28 -3.93 -22.75 23.67
N TRP C 29 -4.18 -23.56 22.62
CA TRP C 29 -3.70 -23.28 21.26
C TRP C 29 -4.77 -22.90 20.27
N VAL C 30 -5.93 -23.56 20.36
CA VAL C 30 -7.06 -23.32 19.46
C VAL C 30 -8.37 -23.11 20.22
N LYS C 31 -9.30 -22.38 19.61
CA LYS C 31 -10.62 -22.18 20.18
C LYS C 31 -11.67 -22.35 19.06
N LEU C 32 -12.91 -22.54 19.47
CA LEU C 32 -13.99 -22.83 18.58
C LEU C 32 -15.05 -21.82 18.98
N GLU C 33 -15.73 -21.26 17.97
CA GLU C 33 -16.74 -20.23 18.16
C GLU C 33 -17.97 -20.40 17.31
N LYS C 34 -19.07 -19.84 17.79
CA LYS C 34 -20.31 -19.78 17.01
C LYS C 34 -20.35 -18.38 16.47
N THR C 35 -20.48 -18.29 15.15
CA THR C 35 -20.31 -17.05 14.41
C THR C 35 -21.72 -16.67 13.98
N THR C 36 -22.16 -15.47 14.31
CA THR C 36 -23.47 -15.02 13.90
C THR C 36 -23.26 -13.87 12.93
N TYR C 37 -23.90 -13.93 11.76
CA TYR C 37 -23.59 -12.99 10.68
C TYR C 37 -24.83 -12.74 9.84
N MET C 38 -24.92 -11.56 9.22
CA MET C 38 -26.02 -11.23 8.28
C MET C 38 -25.66 -11.62 6.87
N ASP C 39 -26.52 -12.36 6.18
CA ASP C 39 -26.25 -12.75 4.78
C ASP C 39 -26.64 -11.66 3.83
N PRO C 40 -26.42 -11.88 2.50
CA PRO C 40 -26.72 -10.77 1.59
C PRO C 40 -28.22 -10.33 1.47
N THR C 41 -29.15 -11.24 1.73
CA THR C 41 -30.59 -10.95 1.62
C THR C 41 -31.16 -10.28 2.87
N GLY C 42 -30.38 -10.13 3.95
CA GLY C 42 -30.88 -9.67 5.25
C GLY C 42 -31.26 -10.76 6.26
N LYS C 43 -31.25 -12.04 5.83
CA LYS C 43 -31.40 -13.20 6.72
C LYS C 43 -30.16 -13.40 7.60
N THR C 44 -30.40 -13.29 8.90
CA THR C 44 -29.40 -13.57 9.95
C THR C 44 -28.99 -15.07 10.01
N ARG C 45 -27.69 -15.42 10.00
CA ARG C 45 -27.26 -16.84 9.93
C ARG C 45 -26.13 -17.15 10.90
N THR C 46 -25.80 -18.44 11.01
CA THR C 46 -24.79 -18.93 11.95
C THR C 46 -23.68 -19.76 11.26
N TRP C 47 -22.53 -19.85 11.94
CA TRP C 47 -21.37 -20.63 11.43
C TRP C 47 -20.49 -21.09 12.58
N GLU C 48 -19.94 -22.31 12.45
CA GLU C 48 -18.96 -22.85 13.39
C GLU C 48 -17.53 -22.44 12.92
N SER C 49 -16.86 -21.61 13.69
CA SER C 49 -15.57 -21.01 13.32
C SER C 49 -14.48 -21.39 14.29
N VAL C 50 -13.32 -21.76 13.75
CA VAL C 50 -12.10 -22.04 14.50
C VAL C 50 -11.19 -20.84 14.44
N LYS C 51 -10.59 -20.48 15.57
CA LYS C 51 -9.53 -19.46 15.59
C LYS C 51 -8.38 -19.96 16.47
N ARG C 52 -7.15 -19.50 16.20
CA ARG C 52 -6.02 -19.84 17.06
C ARG C 52 -5.99 -18.79 18.14
N THR C 53 -5.42 -19.14 19.30
CA THR C 53 -5.47 -18.25 20.46
C THR C 53 -4.25 -17.35 20.52
N THR C 54 -3.25 -17.68 19.69
CA THR C 54 -1.91 -17.15 19.74
C THR C 54 -1.62 -15.84 18.94
N ARG C 55 -2.56 -15.30 18.14
CA ARG C 55 -2.28 -14.10 17.31
C ARG C 55 -2.35 -12.81 18.12
N LYS C 56 -1.19 -12.16 18.32
CA LYS C 56 -1.12 -10.84 19.02
C LYS C 56 -1.01 -9.70 18.01
N GLN C 58 0.30 -9.74 15.34
CA GLN C 58 0.94 -10.09 14.09
C GLN C 58 0.03 -9.81 12.91
N THR C 59 0.66 -9.62 11.74
CA THR C 59 -0.07 -9.43 10.45
C THR C 59 -0.76 -10.75 10.01
N ALA C 60 -0.28 -11.85 10.59
CA ALA C 60 -0.83 -13.16 10.38
C ALA C 60 -0.39 -14.10 11.47
N ASP C 61 -0.98 -15.28 11.51
CA ASP C 61 -0.62 -16.28 12.50
C ASP C 61 0.77 -16.76 12.27
N GLY C 62 1.10 -17.00 11.00
CA GLY C 62 2.37 -17.64 10.69
C GLY C 62 2.90 -17.31 9.32
N VAL C 63 3.97 -17.99 9.00
CA VAL C 63 4.61 -17.87 7.70
C VAL C 63 4.80 -19.27 7.17
N ALA C 64 4.76 -19.39 5.83
CA ALA C 64 5.29 -20.54 5.11
C ALA C 64 6.32 -20.06 4.13
N VAL C 65 7.39 -20.83 4.03
CA VAL C 65 8.58 -20.43 3.30
C VAL C 65 8.64 -21.28 2.03
N ILE C 66 8.60 -20.66 0.85
CA ILE C 66 8.91 -21.37 -0.37
C ILE C 66 10.45 -21.25 -0.55
N PRO C 67 11.23 -22.34 -0.27
CA PRO C 67 12.68 -22.17 -0.20
C PRO C 67 13.31 -22.72 -1.44
N VAL C 68 13.86 -21.81 -2.23
CA VAL C 68 14.34 -22.16 -3.55
C VAL C 68 15.85 -22.29 -3.43
N LEU C 69 16.30 -23.49 -3.67
CA LEU C 69 17.73 -23.86 -3.50
C LEU C 69 18.32 -23.66 -4.87
N GLN C 70 19.21 -22.68 -4.95
CA GLN C 70 19.84 -22.26 -6.18
C GLN C 70 21.33 -22.62 -6.14
N ARG C 71 21.81 -23.22 -7.23
CA ARG C 71 23.19 -23.72 -7.37
C ARG C 71 23.61 -23.54 -8.82
N THR C 72 24.86 -23.19 -9.03
CA THR C 72 25.47 -22.87 -10.35
C THR C 72 25.24 -23.90 -11.41
N LEU C 73 25.42 -25.14 -11.00
CA LEU C 73 25.51 -26.25 -11.93
C LEU C 73 24.18 -26.97 -12.16
N HIS C 74 23.15 -26.61 -11.38
CA HIS C 74 21.90 -27.38 -11.32
C HIS C 74 20.64 -26.54 -11.50
N TYR C 75 19.59 -27.25 -11.88
CA TYR C 75 18.25 -26.71 -11.82
C TYR C 75 17.86 -26.45 -10.35
N GLU C 76 16.96 -25.47 -10.13
CA GLU C 76 16.53 -25.17 -8.75
C GLU C 76 15.85 -26.37 -8.11
N CYS C 77 15.98 -26.47 -6.78
CA CYS C 77 15.17 -27.35 -5.98
C CYS C 77 14.24 -26.55 -5.06
N ILE C 78 13.11 -27.16 -4.74
CA ILE C 78 12.28 -26.65 -3.68
C ILE C 78 12.50 -27.55 -2.48
N VAL C 79 12.70 -26.92 -1.35
CA VAL C 79 13.08 -27.59 -0.09
C VAL C 79 11.82 -27.63 0.71
N LEU C 80 11.42 -28.83 1.10
CA LEU C 80 10.23 -29.09 1.86
C LEU C 80 10.65 -29.87 3.12
N VAL C 81 9.71 -29.97 4.04
CA VAL C 81 9.88 -30.70 5.29
C VAL C 81 8.83 -31.80 5.42
N LYS C 82 9.22 -32.95 5.95
CA LYS C 82 8.31 -34.01 6.33
C LYS C 82 8.27 -34.06 7.86
N GLN C 83 7.08 -33.96 8.41
CA GLN C 83 6.90 -34.17 9.84
C GLN C 83 5.61 -34.90 10.21
N PHE C 84 5.58 -35.42 11.44
CA PHE C 84 4.39 -36.10 11.94
C PHE C 84 3.47 -35.00 12.37
N ARG C 85 2.23 -35.07 11.95
CA ARG C 85 1.26 -34.04 12.28
C ARG C 85 0.11 -34.64 13.04
N PRO C 86 0.03 -34.34 14.36
CA PRO C 86 -0.99 -35.04 15.18
C PRO C 86 -2.42 -34.90 14.71
N PRO C 87 -2.80 -33.70 14.21
CA PRO C 87 -4.17 -33.60 13.75
C PRO C 87 -4.48 -34.56 12.60
N MET C 88 -3.51 -34.79 11.72
CA MET C 88 -3.61 -35.70 10.58
C MET C 88 -3.37 -37.16 10.98
N GLY C 89 -2.78 -37.38 12.14
CA GLY C 89 -2.45 -38.73 12.55
C GLY C 89 -1.37 -39.35 11.67
N GLY C 90 -0.51 -38.54 11.06
CA GLY C 90 0.45 -39.06 10.11
C GLY C 90 1.44 -38.02 9.71
N TYR C 91 2.24 -38.39 8.70
CA TYR C 91 3.28 -37.57 8.18
C TYR C 91 2.78 -36.74 7.04
N CYS C 92 3.28 -35.51 6.99
CA CYS C 92 2.91 -34.57 5.92
C CYS C 92 4.12 -33.93 5.34
N ILE C 93 4.07 -33.63 4.03
CA ILE C 93 5.10 -32.94 3.34
C ILE C 93 4.63 -31.49 3.16
N GLU C 94 5.41 -30.55 3.65
CA GLU C 94 4.99 -29.12 3.67
C GLU C 94 6.12 -28.19 3.35
N PHE C 95 5.78 -26.91 3.05
CA PHE C 95 6.75 -25.87 3.13
C PHE C 95 7.15 -25.70 4.59
N PRO C 96 8.45 -25.46 4.86
CA PRO C 96 8.78 -25.06 6.22
C PRO C 96 7.95 -23.87 6.63
N ALA C 97 7.62 -23.85 7.91
CA ALA C 97 6.62 -22.94 8.37
C ALA C 97 6.64 -22.92 9.87
N GLY C 98 6.19 -21.82 10.44
CA GLY C 98 5.87 -21.80 11.89
C GLY C 98 5.12 -20.52 12.18
N LEU C 99 4.75 -20.34 13.42
CA LEU C 99 4.05 -19.13 13.87
C LEU C 99 5.04 -17.96 13.95
N ILE C 100 4.58 -16.75 13.62
CA ILE C 100 5.37 -15.53 13.75
C ILE C 100 5.45 -15.17 15.25
N ASP C 101 6.68 -15.05 15.79
CA ASP C 101 6.89 -14.61 17.17
C ASP C 101 6.32 -13.22 17.32
N ASP C 102 5.95 -12.86 18.54
CA ASP C 102 5.40 -11.53 18.79
C ASP C 102 6.58 -10.54 18.68
N GLY C 103 6.38 -9.44 17.97
CA GLY C 103 7.43 -8.43 17.76
C GLY C 103 8.29 -8.73 16.55
N GLU C 104 8.03 -9.87 15.89
CA GLU C 104 8.83 -10.37 14.79
C GLU C 104 8.15 -10.08 13.46
N THR C 105 8.94 -9.73 12.48
CA THR C 105 8.42 -9.52 11.15
C THR C 105 8.23 -10.87 10.42
N PRO C 106 7.31 -10.93 9.42
CA PRO C 106 7.12 -12.20 8.70
C PRO C 106 8.41 -12.64 8.03
N GLU C 107 9.19 -11.64 7.53
CA GLU C 107 10.45 -11.93 6.90
C GLU C 107 11.42 -12.65 7.86
N ALA C 108 11.45 -12.25 9.13
CA ALA C 108 12.49 -12.68 10.04
C ALA C 108 12.05 -14.06 10.47
N ALA C 109 10.76 -14.17 10.77
CA ALA C 109 10.13 -15.47 10.96
C ALA C 109 10.46 -16.47 9.89
N ALA C 110 10.39 -16.06 8.63
CA ALA C 110 10.61 -17.02 7.56
C ALA C 110 12.03 -17.54 7.59
N LEU C 111 13.00 -16.62 7.73
CA LEU C 111 14.40 -17.02 7.77
C LEU C 111 14.73 -17.82 9.01
N ARG C 112 14.16 -17.43 10.15
CA ARG C 112 14.33 -18.18 11.40
C ARG C 112 13.78 -19.60 11.30
N GLU C 113 12.50 -19.71 10.93
CA GLU C 113 11.89 -21.02 10.72
C GLU C 113 12.64 -21.83 9.67
N LEU C 114 13.09 -21.17 8.60
CA LEU C 114 13.73 -21.97 7.53
C LEU C 114 15.05 -22.55 8.09
N GLU C 115 15.84 -21.71 8.73
CA GLU C 115 17.09 -22.20 9.32
C GLU C 115 16.89 -23.31 10.39
N GLU C 116 15.93 -23.12 11.28
CA GLU C 116 15.55 -24.13 12.25
C GLU C 116 15.12 -25.48 11.70
N GLU C 117 14.32 -25.47 10.62
CA GLU C 117 13.66 -26.66 10.18
C GLU C 117 14.51 -27.41 9.16
N THR C 118 15.32 -26.67 8.41
CA THR C 118 16.18 -27.24 7.38
C THR C 118 17.72 -27.02 7.48
N GLY C 119 18.17 -26.09 8.30
CA GLY C 119 19.58 -25.70 8.36
C GLY C 119 20.07 -24.74 7.28
N TYR C 120 19.25 -24.46 6.27
CA TYR C 120 19.64 -23.49 5.24
C TYR C 120 19.59 -22.04 5.68
N LYS C 121 20.60 -21.28 5.26
CA LYS C 121 20.60 -19.85 5.43
C LYS C 121 20.14 -19.25 4.09
N GLY C 122 19.04 -18.51 4.11
CA GLY C 122 18.39 -17.97 2.92
C GLY C 122 18.33 -16.45 2.86
N ASP C 123 17.87 -15.93 1.74
CA ASP C 123 17.64 -14.50 1.56
C ASP C 123 16.18 -14.31 1.10
N ILE C 124 15.50 -13.36 1.74
CA ILE C 124 14.18 -13.06 1.34
C ILE C 124 14.18 -12.63 -0.11
N ALA C 125 13.35 -13.28 -0.90
CA ALA C 125 13.04 -12.76 -2.22
C ALA C 125 11.75 -11.91 -2.23
N GLU C 126 10.71 -12.36 -1.54
CA GLU C 126 9.34 -11.79 -1.70
C GLU C 126 8.48 -12.31 -0.55
N CYS C 127 7.52 -11.49 -0.11
CA CYS C 127 6.63 -11.83 0.97
C CYS C 127 5.22 -11.46 0.53
N SER C 128 4.30 -12.44 0.51
CA SER C 128 2.87 -12.22 0.23
C SER C 128 2.18 -11.34 1.25
N PRO C 129 1.04 -10.77 0.88
CA PRO C 129 0.15 -10.27 1.94
C PRO C 129 -0.41 -11.46 2.77
N ALA C 130 -1.03 -11.20 3.92
CA ALA C 130 -1.69 -12.27 4.70
C ALA C 130 -2.78 -12.99 3.86
N VAL C 131 -2.63 -14.32 3.77
CA VAL C 131 -3.50 -15.18 2.91
C VAL C 131 -4.09 -16.24 3.82
N CYS C 132 -5.36 -16.58 3.54
CA CYS C 132 -6.15 -17.47 4.40
C CYS C 132 -5.88 -18.96 4.11
N MET C 133 -5.79 -19.69 5.18
CA MET C 133 -5.56 -21.15 5.11
C MET C 133 -6.75 -21.98 4.78
N ASP C 134 -7.91 -21.71 5.36
CA ASP C 134 -9.06 -22.61 5.11
C ASP C 134 -10.26 -21.79 5.52
N PRO C 135 -10.64 -20.84 4.66
CA PRO C 135 -11.45 -19.73 5.19
C PRO C 135 -12.93 -20.10 5.54
N GLY C 136 -13.42 -21.21 5.04
CA GLY C 136 -14.67 -21.81 5.52
C GLY C 136 -14.64 -22.42 6.92
N LEU C 137 -13.45 -22.62 7.48
CA LEU C 137 -13.28 -23.25 8.78
C LEU C 137 -12.69 -22.31 9.76
N SER C 138 -11.63 -21.60 9.39
CA SER C 138 -10.88 -20.83 10.37
C SER C 138 -10.55 -19.47 9.85
N ASN C 139 -10.10 -18.61 10.78
CA ASN C 139 -9.53 -17.28 10.45
C ASN C 139 -8.00 -17.32 10.21
N CYS C 140 -7.43 -18.51 10.14
CA CYS C 140 -5.99 -18.67 10.10
C CYS C 140 -5.37 -18.08 8.84
N THR C 141 -4.34 -17.26 9.05
CA THR C 141 -3.61 -16.62 7.96
C THR C 141 -2.10 -16.88 8.06
N ILE C 142 -1.51 -16.93 6.88
CA ILE C 142 -0.06 -16.85 6.78
C ILE C 142 0.44 -15.74 5.84
N HIS C 143 1.72 -15.39 5.96
CA HIS C 143 2.47 -14.86 4.80
C HIS C 143 3.23 -15.99 4.12
N ILE C 144 3.17 -16.06 2.79
CA ILE C 144 4.00 -16.90 2.03
C ILE C 144 5.24 -16.10 1.62
N VAL C 145 6.37 -16.54 2.14
CA VAL C 145 7.61 -15.81 1.97
C VAL C 145 8.50 -16.67 1.06
N THR C 146 8.74 -16.16 -0.14
CA THR C 146 9.69 -16.78 -1.04
C THR C 146 11.12 -16.46 -0.62
N VAL C 147 11.96 -17.50 -0.47
CA VAL C 147 13.32 -17.32 0.03
C VAL C 147 14.28 -18.08 -0.87
N THR C 148 15.36 -17.45 -1.27
CA THR C 148 16.32 -18.08 -2.17
C THR C 148 17.46 -18.51 -1.29
N ILE C 149 17.98 -19.70 -1.57
CA ILE C 149 19.09 -20.26 -0.80
C ILE C 149 20.28 -20.46 -1.75
N ASN C 150 21.39 -19.78 -1.51
CA ASN C 150 22.63 -20.05 -2.26
C ASN C 150 23.26 -21.39 -1.80
N GLY C 151 22.94 -22.41 -2.56
CA GLY C 151 23.41 -23.78 -2.30
C GLY C 151 24.90 -23.97 -2.61
N ASP C 152 25.54 -22.97 -3.20
CA ASP C 152 26.97 -23.00 -3.52
C ASP C 152 27.77 -22.24 -2.52
N ASP C 153 27.12 -21.61 -1.56
CA ASP C 153 27.84 -21.00 -0.50
C ASP C 153 28.29 -22.10 0.45
N ALA C 154 29.49 -21.92 0.99
CA ALA C 154 30.07 -22.79 2.01
C ALA C 154 29.15 -22.98 3.23
N GLU C 155 28.54 -21.90 3.74
CA GLU C 155 27.59 -21.98 4.89
C GLU C 155 26.42 -22.95 4.66
N ASN C 156 25.99 -23.13 3.40
CA ASN C 156 24.91 -24.07 3.06
C ASN C 156 25.35 -25.48 2.66
N ALA C 157 26.65 -25.78 2.79
CA ALA C 157 27.22 -27.08 2.35
C ALA C 157 26.71 -28.29 3.15
N ARG C 158 26.69 -28.14 4.47
CA ARG C 158 26.26 -29.21 5.34
C ARG C 158 25.17 -28.62 6.19
N PRO C 159 23.99 -28.37 5.60
CA PRO C 159 22.88 -27.81 6.39
C PRO C 159 22.51 -28.71 7.57
N LYS C 160 22.33 -28.12 8.75
CA LYS C 160 21.92 -28.90 9.94
C LYS C 160 20.75 -28.23 10.59
N PRO C 161 19.53 -28.79 10.44
CA PRO C 161 18.39 -28.26 11.16
C PRO C 161 18.72 -28.16 12.65
N LYS C 162 18.20 -27.15 13.33
CA LYS C 162 18.33 -27.03 14.79
C LYS C 162 16.91 -26.81 15.33
N PRO C 163 16.12 -27.91 15.46
CA PRO C 163 14.70 -27.76 15.71
C PRO C 163 14.39 -27.65 17.20
N GLY C 164 13.29 -27.00 17.54
CA GLY C 164 12.85 -26.87 18.93
C GLY C 164 12.61 -28.23 19.55
N ASP C 165 12.69 -28.29 20.88
CA ASP C 165 12.25 -29.47 21.63
C ASP C 165 10.83 -29.86 21.18
N GLY C 166 10.64 -31.12 20.82
CA GLY C 166 9.34 -31.56 20.28
C GLY C 166 9.17 -31.38 18.77
N GLU C 167 10.03 -30.57 18.12
CA GLU C 167 10.07 -30.48 16.65
C GLU C 167 10.94 -31.59 16.08
N PHE C 168 10.33 -32.44 15.26
CA PHE C 168 11.04 -33.53 14.59
C PHE C 168 10.79 -33.46 13.08
N VAL C 169 11.81 -33.06 12.34
CA VAL C 169 11.65 -32.65 10.98
C VAL C 169 12.70 -33.30 10.11
N GLU C 170 12.28 -33.71 8.93
CA GLU C 170 13.12 -34.28 7.91
C GLU C 170 13.02 -33.43 6.65
N VAL C 171 14.15 -33.20 5.98
CA VAL C 171 14.28 -32.29 4.90
C VAL C 171 14.26 -33.09 3.60
N ILE C 172 13.50 -32.58 2.65
CA ILE C 172 13.39 -33.21 1.32
C ILE C 172 13.50 -32.03 0.34
N SER C 173 14.47 -32.08 -0.58
CA SER C 173 14.66 -31.08 -1.66
C SER C 173 14.29 -31.73 -2.96
N LEU C 174 13.34 -31.14 -3.70
CA LEU C 174 12.93 -31.75 -4.94
C LEU C 174 13.09 -30.76 -6.09
N PRO C 175 13.36 -31.25 -7.31
CA PRO C 175 13.60 -30.26 -8.37
C PRO C 175 12.34 -29.50 -8.69
N LYS C 176 12.45 -28.19 -8.82
CA LYS C 176 11.30 -27.33 -9.17
C LYS C 176 10.69 -27.79 -10.50
N ASN C 177 11.57 -28.22 -11.42
CA ASN C 177 11.18 -28.62 -12.78
C ASN C 177 10.54 -30.01 -12.89
N ASP C 178 10.40 -30.71 -11.78
CA ASP C 178 9.68 -32.01 -11.79
C ASP C 178 8.90 -32.18 -10.47
N LEU C 179 8.53 -31.05 -9.85
CA LEU C 179 7.97 -31.07 -8.49
C LEU C 179 6.80 -32.03 -8.36
N LEU C 180 5.77 -31.87 -9.20
CA LEU C 180 4.56 -32.64 -9.04
C LEU C 180 4.85 -34.15 -9.13
N GLN C 181 5.47 -34.60 -10.24
CA GLN C 181 5.85 -36.02 -10.40
C GLN C 181 6.59 -36.55 -9.19
N ARG C 182 7.47 -35.75 -8.65
CA ARG C 182 8.29 -36.19 -7.54
C ARG C 182 7.53 -36.24 -6.23
N LEU C 183 6.55 -35.34 -6.05
CA LEU C 183 5.62 -35.47 -4.91
C LEU C 183 4.69 -36.71 -5.09
N ASP C 184 4.17 -36.90 -6.30
CA ASP C 184 3.44 -38.11 -6.65
C ASP C 184 4.25 -39.40 -6.31
N ALA C 185 5.55 -39.42 -6.60
CA ALA C 185 6.36 -40.63 -6.32
C ALA C 185 6.71 -40.83 -4.83
N LEU C 186 6.68 -39.75 -4.05
CA LEU C 186 6.79 -39.91 -2.58
C LEU C 186 5.51 -40.44 -1.96
N VAL C 187 4.37 -39.94 -2.43
CA VAL C 187 3.06 -40.41 -2.00
C VAL C 187 2.88 -41.90 -2.33
N ALA C 188 3.49 -42.36 -3.42
CA ALA C 188 3.34 -43.74 -3.88
C ALA C 188 4.15 -44.70 -3.05
N GLU C 189 5.26 -44.24 -2.47
CA GLU C 189 6.16 -45.10 -1.73
C GLU C 189 5.81 -45.29 -0.22
N GLU C 190 5.26 -44.27 0.45
CA GLU C 190 4.72 -44.42 1.84
C GLU C 190 3.41 -43.67 2.01
N HIS C 191 2.77 -43.87 3.17
CA HIS C 191 1.60 -43.08 3.49
C HIS C 191 2.02 -41.74 4.05
N LEU C 192 1.95 -40.76 3.18
CA LEU C 192 2.14 -39.41 3.58
C LEU C 192 1.23 -38.52 2.75
N THR C 193 0.96 -37.34 3.31
CA THR C 193 -0.01 -36.40 2.77
C THR C 193 0.77 -35.13 2.41
N VAL C 194 0.58 -34.67 1.18
CA VAL C 194 1.17 -33.45 0.75
C VAL C 194 0.27 -32.29 1.14
N ASP C 195 0.90 -31.22 1.59
CA ASP C 195 0.22 -29.97 1.88
C ASP C 195 -0.47 -29.40 0.62
N ALA C 196 -1.63 -28.80 0.81
CA ALA C 196 -2.41 -28.25 -0.29
C ALA C 196 -1.72 -27.03 -0.96
N ARG C 197 -1.02 -26.22 -0.20
CA ARG C 197 -0.26 -25.11 -0.81
C ARG C 197 0.92 -25.65 -1.62
N VAL C 198 1.61 -26.67 -1.10
CA VAL C 198 2.68 -27.28 -1.82
C VAL C 198 2.14 -27.83 -3.11
N TYR C 199 1.09 -28.61 -3.02
CA TYR C 199 0.48 -29.19 -4.20
C TYR C 199 0.01 -28.18 -5.24
N SER C 200 -0.60 -27.09 -4.80
CA SER C 200 -1.06 -26.00 -5.72
C SER C 200 0.09 -25.34 -6.38
N TYR C 201 1.17 -25.15 -5.60
CA TYR C 201 2.39 -24.67 -6.19
C TYR C 201 2.92 -25.60 -7.28
N ALA C 202 2.97 -26.89 -6.97
CA ALA C 202 3.53 -27.88 -7.92
C ALA C 202 2.68 -27.96 -9.18
N LEU C 203 1.37 -27.85 -9.02
CA LEU C 203 0.48 -27.89 -10.16
C LEU C 203 0.72 -26.63 -11.04
N ALA C 204 0.75 -25.46 -10.43
CA ALA C 204 1.07 -24.26 -11.30
C ALA C 204 2.42 -24.35 -12.10
N LEU C 205 3.46 -24.87 -11.44
CA LEU C 205 4.72 -25.06 -12.09
C LEU C 205 4.55 -25.96 -13.33
N LYS C 206 3.80 -27.04 -13.16
CA LYS C 206 3.43 -27.89 -14.31
C LYS C 206 2.64 -27.14 -15.39
N HIS C 207 1.60 -26.43 -15.02
CA HIS C 207 0.72 -25.80 -16.01
C HIS C 207 1.33 -24.61 -16.74
N ALA C 208 2.33 -23.96 -16.14
CA ALA C 208 2.82 -22.66 -16.65
C ALA C 208 3.29 -22.70 -18.10
N LYS D 15 7.48 -44.60 13.22
CA LYS D 15 8.24 -43.99 14.33
C LYS D 15 7.25 -43.34 15.33
N GLN D 16 6.63 -42.22 14.96
CA GLN D 16 5.56 -41.62 15.77
C GLN D 16 4.18 -42.22 15.52
N TYR D 17 3.29 -42.17 16.52
CA TYR D 17 1.92 -42.66 16.42
C TYR D 17 1.00 -41.91 17.38
N ILE D 18 -0.28 -41.93 17.02
CA ILE D 18 -1.41 -41.47 17.85
C ILE D 18 -1.68 -42.56 18.91
N ILE D 19 -1.71 -42.15 20.16
CA ILE D 19 -2.01 -42.98 21.32
C ILE D 19 -3.50 -42.86 21.55
N SER D 20 -4.04 -41.62 21.60
CA SER D 20 -5.49 -41.45 21.82
C SER D 20 -6.03 -40.11 21.39
N GLU D 21 -7.35 -40.03 21.18
CA GLU D 21 -8.04 -38.81 20.76
C GLU D 21 -9.28 -38.55 21.62
N GLU D 22 -9.17 -37.60 22.55
CA GLU D 22 -10.27 -37.19 23.44
C GLU D 22 -11.14 -36.10 22.78
N LEU D 23 -12.44 -36.32 22.68
CA LEU D 23 -13.38 -35.30 22.22
C LEU D 23 -13.43 -34.24 23.30
N ILE D 24 -13.09 -32.98 22.94
CA ILE D 24 -13.23 -31.84 23.86
C ILE D 24 -14.55 -31.11 23.63
N SER D 25 -14.92 -30.84 22.38
CA SER D 25 -16.19 -30.14 22.11
C SER D 25 -16.60 -30.38 20.66
N GLU D 26 -17.89 -30.61 20.41
CA GLU D 26 -18.42 -31.08 19.12
C GLU D 26 -19.63 -30.27 18.76
N GLY D 27 -19.59 -29.58 17.62
CA GLY D 27 -20.70 -28.77 17.13
C GLY D 27 -21.34 -29.53 16.00
N LYS D 28 -22.11 -28.83 15.16
CA LYS D 28 -22.77 -29.47 14.01
C LYS D 28 -21.76 -29.75 12.93
N TRP D 29 -20.84 -28.81 12.65
CA TRP D 29 -19.87 -28.94 11.54
C TRP D 29 -18.37 -29.26 11.94
N VAL D 30 -17.95 -28.90 13.15
CA VAL D 30 -16.55 -28.96 13.54
C VAL D 30 -16.46 -29.47 14.97
N LYS D 31 -15.37 -30.15 15.31
CA LYS D 31 -15.08 -30.50 16.70
C LYS D 31 -13.61 -30.32 16.97
N LEU D 32 -13.27 -30.30 18.26
CA LEU D 32 -11.97 -30.07 18.82
C LEU D 32 -11.60 -31.30 19.65
N GLU D 33 -10.35 -31.75 19.53
CA GLU D 33 -9.86 -32.92 20.25
C GLU D 33 -8.55 -32.61 20.89
N LYS D 34 -8.29 -33.29 22.01
CA LYS D 34 -6.98 -33.34 22.61
C LYS D 34 -6.38 -34.64 22.10
N THR D 35 -5.34 -34.52 21.29
CA THR D 35 -4.68 -35.66 20.70
C THR D 35 -3.51 -36.07 21.54
N THR D 36 -3.41 -37.35 21.91
CA THR D 36 -2.15 -37.78 22.52
C THR D 36 -1.38 -38.61 21.54
N TYR D 37 -0.06 -38.40 21.49
CA TYR D 37 0.79 -39.12 20.54
C TYR D 37 2.18 -39.32 21.11
N MET D 38 2.93 -40.22 20.49
CA MET D 38 4.27 -40.51 20.88
C MET D 38 5.23 -39.92 19.87
N ASP D 39 6.11 -39.02 20.34
CA ASP D 39 7.20 -38.48 19.52
C ASP D 39 8.30 -39.52 19.36
N PRO D 40 9.23 -39.31 18.42
CA PRO D 40 10.21 -40.38 18.18
C PRO D 40 10.98 -40.74 19.45
N THR D 41 11.45 -39.72 20.17
CA THR D 41 12.27 -39.86 21.40
C THR D 41 11.72 -40.80 22.46
N GLY D 42 10.43 -41.12 22.41
CA GLY D 42 9.76 -41.97 23.39
C GLY D 42 8.92 -41.20 24.40
N LYS D 43 8.87 -39.86 24.23
CA LYS D 43 8.09 -38.97 25.11
C LYS D 43 6.62 -38.85 24.66
N THR D 44 5.71 -39.06 25.60
CA THR D 44 4.27 -38.85 25.36
C THR D 44 3.98 -37.35 25.32
N ARG D 45 3.19 -36.93 24.33
CA ARG D 45 2.81 -35.50 24.16
C ARG D 45 1.37 -35.30 23.67
N THR D 46 0.88 -34.07 23.77
CA THR D 46 -0.49 -33.78 23.35
C THR D 46 -0.56 -32.69 22.30
N TRP D 47 -1.72 -32.57 21.65
CA TRP D 47 -1.95 -31.58 20.58
C TRP D 47 -3.41 -31.19 20.60
N GLU D 48 -3.73 -29.95 20.28
CA GLU D 48 -5.12 -29.58 20.16
C GLU D 48 -5.40 -29.60 18.65
N SER D 49 -6.35 -30.43 18.23
CA SER D 49 -6.62 -30.70 16.83
C SER D 49 -8.07 -30.46 16.50
N VAL D 50 -8.33 -30.08 15.26
CA VAL D 50 -9.66 -29.78 14.79
C VAL D 50 -10.01 -30.76 13.70
N LYS D 51 -11.26 -31.23 13.69
CA LYS D 51 -11.74 -32.11 12.63
C LYS D 51 -13.14 -31.68 12.32
N ARG D 52 -13.57 -31.93 11.09
CA ARG D 52 -14.96 -31.72 10.71
C ARG D 52 -15.75 -32.97 11.06
N THR D 53 -17.06 -32.82 11.15
CA THR D 53 -17.93 -33.91 11.59
C THR D 53 -18.77 -34.50 10.47
N THR D 54 -18.32 -34.39 9.22
CA THR D 54 -19.16 -34.73 8.04
C THR D 54 -18.41 -35.53 6.98
N ALA D 60 -11.56 -37.62 1.06
CA ALA D 60 -11.29 -36.27 1.60
C ALA D 60 -12.54 -35.53 2.10
N ASP D 61 -12.37 -34.43 2.85
CA ASP D 61 -13.54 -33.59 3.14
C ASP D 61 -14.15 -32.90 1.92
N GLY D 62 -13.32 -32.25 1.12
CA GLY D 62 -13.80 -31.38 0.05
C GLY D 62 -13.02 -31.54 -1.25
N VAL D 63 -13.45 -30.72 -2.21
CA VAL D 63 -12.69 -30.43 -3.38
C VAL D 63 -12.47 -28.91 -3.51
N ALA D 64 -11.38 -28.58 -4.20
CA ALA D 64 -11.13 -27.23 -4.65
C ALA D 64 -10.86 -27.39 -6.11
N VAL D 65 -11.42 -26.53 -6.92
CA VAL D 65 -11.28 -26.70 -8.37
C VAL D 65 -10.42 -25.53 -8.89
N ILE D 66 -9.50 -25.87 -9.77
CA ILE D 66 -8.68 -24.93 -10.47
C ILE D 66 -9.24 -24.88 -11.89
N PRO D 67 -10.11 -23.91 -12.18
CA PRO D 67 -10.81 -23.88 -13.44
C PRO D 67 -10.11 -22.95 -14.46
N VAL D 68 -9.59 -23.54 -15.55
CA VAL D 68 -8.85 -22.87 -16.57
C VAL D 68 -9.79 -22.59 -17.78
N LEU D 69 -10.27 -21.38 -17.94
CA LEU D 69 -11.22 -21.04 -19.06
C LEU D 69 -10.43 -20.83 -20.35
N GLN D 70 -10.57 -21.75 -21.27
CA GLN D 70 -9.85 -21.74 -22.56
C GLN D 70 -10.71 -21.35 -23.77
N ARG D 71 -10.18 -20.45 -24.60
CA ARG D 71 -10.83 -19.98 -25.84
C ARG D 71 -9.75 -19.84 -26.88
N THR D 72 -9.93 -20.45 -28.05
CA THR D 72 -8.91 -20.32 -29.09
C THR D 72 -8.64 -18.88 -29.44
N LEU D 73 -7.39 -18.59 -29.80
CA LEU D 73 -6.98 -17.22 -30.08
C LEU D 73 -7.11 -16.25 -28.93
N HIS D 74 -7.22 -16.73 -27.69
CA HIS D 74 -7.23 -15.85 -26.51
C HIS D 74 -6.36 -16.46 -25.40
N TYR D 75 -6.02 -15.65 -24.42
CA TYR D 75 -5.25 -16.09 -23.22
C TYR D 75 -6.15 -16.90 -22.32
N GLU D 76 -5.55 -17.79 -21.52
CA GLU D 76 -6.32 -18.55 -20.54
C GLU D 76 -6.67 -17.68 -19.35
N CYS D 77 -7.77 -18.00 -18.70
CA CYS D 77 -8.21 -17.34 -17.50
C CYS D 77 -8.44 -18.39 -16.42
N ILE D 78 -8.27 -17.98 -15.18
CA ILE D 78 -8.48 -18.82 -14.02
C ILE D 78 -9.73 -18.27 -13.36
N VAL D 79 -10.74 -19.11 -13.23
CA VAL D 79 -11.99 -18.65 -12.66
C VAL D 79 -11.91 -18.89 -11.14
N LEU D 80 -12.04 -17.82 -10.39
CA LEU D 80 -12.04 -17.83 -8.95
C LEU D 80 -13.41 -17.39 -8.53
N VAL D 81 -13.62 -17.44 -7.21
CA VAL D 81 -14.85 -16.94 -6.63
C VAL D 81 -14.56 -16.11 -5.42
N LYS D 82 -15.47 -15.16 -5.11
CA LYS D 82 -15.38 -14.37 -3.91
C LYS D 82 -16.64 -14.53 -3.13
N GLN D 83 -16.49 -14.62 -1.81
CA GLN D 83 -17.63 -14.83 -0.91
C GLN D 83 -17.26 -14.41 0.47
N PHE D 84 -18.27 -14.03 1.23
CA PHE D 84 -18.13 -13.77 2.65
C PHE D 84 -17.85 -15.10 3.42
N ARG D 85 -16.77 -15.10 4.21
CA ARG D 85 -16.41 -16.25 4.99
C ARG D 85 -16.55 -15.81 6.43
N PRO D 86 -17.60 -16.29 7.11
CA PRO D 86 -17.80 -16.00 8.51
C PRO D 86 -16.59 -16.20 9.38
N PRO D 87 -15.84 -17.32 9.22
CA PRO D 87 -14.63 -17.45 10.07
C PRO D 87 -13.57 -16.34 9.86
N MET D 88 -13.45 -15.83 8.64
CA MET D 88 -12.52 -14.73 8.32
C MET D 88 -13.13 -13.36 8.62
N GLY D 89 -14.43 -13.30 8.86
CA GLY D 89 -15.08 -12.03 9.04
C GLY D 89 -15.01 -11.13 7.82
N GLY D 90 -14.90 -11.68 6.61
CA GLY D 90 -14.83 -10.82 5.44
C GLY D 90 -14.82 -11.63 4.20
N TYR D 91 -14.63 -10.99 3.07
CA TYR D 91 -14.71 -11.66 1.82
C TYR D 91 -13.34 -12.28 1.46
N CYS D 92 -13.34 -13.43 0.76
CA CYS D 92 -12.13 -14.09 0.41
C CYS D 92 -12.25 -14.45 -1.03
N ILE D 93 -11.12 -14.59 -1.68
CA ILE D 93 -11.05 -14.99 -3.11
C ILE D 93 -10.38 -16.31 -3.06
N GLU D 94 -11.06 -17.33 -3.57
CA GLU D 94 -10.63 -18.72 -3.44
C GLU D 94 -10.91 -19.38 -4.78
N PHE D 95 -10.30 -20.54 -5.00
CA PHE D 95 -10.77 -21.42 -6.03
C PHE D 95 -12.18 -21.88 -5.63
N PRO D 96 -13.03 -22.14 -6.61
CA PRO D 96 -14.31 -22.76 -6.30
C PRO D 96 -14.12 -24.11 -5.58
N ALA D 97 -14.92 -24.32 -4.56
CA ALA D 97 -14.72 -25.43 -3.68
C ALA D 97 -16.02 -25.74 -2.99
N GLY D 98 -16.13 -27.00 -2.57
CA GLY D 98 -17.28 -27.48 -1.79
C GLY D 98 -17.03 -28.80 -1.16
N LEU D 99 -17.87 -29.15 -0.18
CA LEU D 99 -17.75 -30.49 0.42
C LEU D 99 -18.22 -31.54 -0.61
N ILE D 100 -17.56 -32.68 -0.57
CA ILE D 100 -17.97 -33.84 -1.37
C ILE D 100 -19.19 -34.47 -0.67
N ASP D 101 -20.24 -34.72 -1.45
CA ASP D 101 -21.49 -35.26 -0.91
C ASP D 101 -21.24 -36.76 -0.65
N ASP D 102 -21.98 -37.37 0.29
CA ASP D 102 -21.86 -38.84 0.52
C ASP D 102 -22.16 -39.59 -0.80
N GLY D 103 -21.30 -40.55 -1.17
CA GLY D 103 -21.44 -41.34 -2.42
C GLY D 103 -20.62 -40.88 -3.62
N GLU D 104 -20.70 -39.59 -3.89
CA GLU D 104 -20.06 -38.87 -5.03
C GLU D 104 -18.52 -38.93 -5.08
N THR D 105 -17.99 -39.12 -6.28
CA THR D 105 -16.56 -39.10 -6.57
C THR D 105 -16.08 -37.64 -6.47
N PRO D 106 -14.79 -37.42 -6.11
CA PRO D 106 -14.17 -36.07 -6.17
C PRO D 106 -14.35 -35.34 -7.52
N GLU D 107 -14.09 -36.03 -8.63
CA GLU D 107 -14.26 -35.44 -9.96
C GLU D 107 -15.66 -34.95 -10.22
N ALA D 108 -16.68 -35.71 -9.80
CA ALA D 108 -18.05 -35.28 -10.05
C ALA D 108 -18.34 -34.12 -9.11
N ALA D 109 -17.79 -34.16 -7.88
CA ALA D 109 -18.02 -33.05 -6.96
C ALA D 109 -17.37 -31.78 -7.52
N ALA D 110 -16.24 -31.97 -8.21
CA ALA D 110 -15.53 -30.83 -8.79
C ALA D 110 -16.44 -30.18 -9.82
N LEU D 111 -16.91 -30.98 -10.78
CA LEU D 111 -17.74 -30.38 -11.88
C LEU D 111 -19.05 -29.85 -11.32
N ARG D 112 -19.63 -30.57 -10.35
CA ARG D 112 -20.88 -30.07 -9.74
C ARG D 112 -20.64 -28.74 -9.06
N GLU D 113 -19.63 -28.70 -8.21
CA GLU D 113 -19.35 -27.46 -7.48
C GLU D 113 -18.92 -26.33 -8.44
N LEU D 114 -18.18 -26.64 -9.49
CA LEU D 114 -17.81 -25.59 -10.44
C LEU D 114 -19.04 -24.98 -11.09
N GLU D 115 -20.01 -25.81 -11.51
CA GLU D 115 -21.26 -25.33 -12.11
C GLU D 115 -22.14 -24.55 -11.12
N GLU D 116 -22.27 -25.05 -9.91
CA GLU D 116 -23.08 -24.34 -8.92
C GLU D 116 -22.54 -22.94 -8.65
N GLU D 117 -21.24 -22.87 -8.45
CA GLU D 117 -20.62 -21.62 -8.04
C GLU D 117 -20.32 -20.64 -9.20
N THR D 118 -20.17 -21.16 -10.41
CA THR D 118 -19.73 -20.36 -11.55
C THR D 118 -20.60 -20.42 -12.81
N GLY D 119 -21.40 -21.47 -12.95
CA GLY D 119 -22.18 -21.73 -14.17
C GLY D 119 -21.43 -22.55 -15.22
N TYR D 120 -20.10 -22.67 -15.13
CA TYR D 120 -19.35 -23.33 -16.18
C TYR D 120 -19.44 -24.87 -16.11
N LYS D 121 -19.25 -25.52 -17.27
CA LYS D 121 -19.41 -26.94 -17.51
C LYS D 121 -18.02 -27.31 -17.94
N GLY D 122 -17.26 -27.90 -17.02
CA GLY D 122 -15.89 -28.18 -17.30
C GLY D 122 -15.62 -29.57 -17.69
N ASP D 123 -14.36 -29.81 -18.01
CA ASP D 123 -13.86 -31.12 -18.29
C ASP D 123 -12.74 -31.41 -17.30
N ILE D 124 -12.71 -32.64 -16.76
CA ILE D 124 -11.64 -33.05 -15.85
C ILE D 124 -10.32 -33.09 -16.58
N ALA D 125 -9.31 -32.39 -16.06
CA ALA D 125 -7.93 -32.52 -16.54
C ALA D 125 -7.14 -33.48 -15.65
N GLU D 126 -7.23 -33.29 -14.33
CA GLU D 126 -6.50 -34.15 -13.38
C GLU D 126 -7.06 -33.93 -12.00
N CYS D 127 -6.74 -34.85 -11.10
CA CYS D 127 -7.27 -34.82 -9.76
C CYS D 127 -6.17 -35.28 -8.84
N SER D 128 -6.00 -34.56 -7.77
CA SER D 128 -4.94 -34.84 -6.82
C SER D 128 -5.37 -35.89 -5.83
N PRO D 129 -4.42 -36.53 -5.17
CA PRO D 129 -4.76 -37.31 -3.95
C PRO D 129 -5.22 -36.35 -2.88
N ALA D 130 -5.70 -36.83 -1.74
CA ALA D 130 -6.21 -35.92 -0.72
C ALA D 130 -5.00 -35.15 -0.20
N VAL D 131 -5.15 -33.84 -0.07
CA VAL D 131 -4.00 -32.99 0.34
C VAL D 131 -4.52 -32.27 1.55
N CYS D 132 -3.66 -31.94 2.49
CA CYS D 132 -4.04 -31.33 3.78
C CYS D 132 -4.10 -29.82 3.77
N MET D 133 -5.10 -29.29 4.49
CA MET D 133 -5.44 -27.88 4.45
C MET D 133 -4.64 -27.05 5.41
N ASP D 134 -4.46 -27.57 6.63
CA ASP D 134 -3.69 -26.89 7.63
C ASP D 134 -3.27 -27.96 8.69
N PRO D 135 -2.29 -28.81 8.35
CA PRO D 135 -2.15 -30.11 9.04
C PRO D 135 -1.67 -29.97 10.47
N GLY D 136 -1.03 -28.84 10.78
CA GLY D 136 -0.68 -28.45 12.15
C GLY D 136 -1.87 -28.04 13.04
N LEU D 137 -3.07 -27.93 12.45
CA LEU D 137 -4.31 -27.52 13.16
C LEU D 137 -5.49 -28.46 12.98
N SER D 138 -5.76 -28.88 11.76
CA SER D 138 -6.93 -29.70 11.47
C SER D 138 -6.52 -30.95 10.72
N ASN D 139 -7.43 -31.92 10.61
CA ASN D 139 -7.15 -33.04 9.75
C ASN D 139 -7.79 -32.83 8.38
N CYS D 140 -8.22 -31.61 8.03
CA CYS D 140 -9.11 -31.48 6.89
C CYS D 140 -8.25 -31.66 5.63
N THR D 141 -8.85 -32.28 4.62
CA THR D 141 -8.19 -32.53 3.38
C THR D 141 -9.12 -32.23 2.20
N ILE D 142 -8.52 -32.12 1.01
CA ILE D 142 -9.28 -31.94 -0.20
C ILE D 142 -8.57 -32.62 -1.33
N HIS D 143 -9.29 -32.78 -2.42
CA HIS D 143 -8.73 -33.11 -3.69
C HIS D 143 -8.76 -31.76 -4.45
N ILE D 144 -7.64 -31.45 -5.10
CA ILE D 144 -7.50 -30.32 -5.96
C ILE D 144 -7.67 -30.83 -7.39
N VAL D 145 -8.69 -30.32 -8.06
CA VAL D 145 -9.11 -30.89 -9.32
C VAL D 145 -8.96 -29.83 -10.36
N THR D 146 -8.11 -30.11 -11.33
CA THR D 146 -7.80 -29.18 -12.40
C THR D 146 -8.88 -29.42 -13.46
N VAL D 147 -9.56 -28.37 -13.89
CA VAL D 147 -10.74 -28.48 -14.80
C VAL D 147 -10.59 -27.47 -15.94
N THR D 148 -10.58 -27.97 -17.17
CA THR D 148 -10.58 -27.08 -18.34
C THR D 148 -12.04 -26.73 -18.78
N ILE D 149 -12.29 -25.46 -19.09
CA ILE D 149 -13.62 -24.97 -19.42
C ILE D 149 -13.47 -24.61 -20.88
N ASN D 150 -14.21 -25.27 -21.79
CA ASN D 150 -14.14 -24.99 -23.23
C ASN D 150 -15.04 -23.80 -23.45
N GLY D 151 -14.47 -22.61 -23.36
CA GLY D 151 -15.21 -21.39 -23.56
C GLY D 151 -15.63 -21.19 -25.02
N ASP D 152 -15.12 -21.95 -25.98
CA ASP D 152 -15.72 -21.98 -27.34
C ASP D 152 -16.97 -22.89 -27.50
N ASP D 153 -17.52 -23.40 -26.38
CA ASP D 153 -18.81 -24.10 -26.39
C ASP D 153 -19.93 -23.12 -26.01
N ALA D 154 -21.08 -23.29 -26.69
CA ALA D 154 -22.31 -22.52 -26.42
C ALA D 154 -22.76 -22.52 -24.93
N GLU D 155 -22.60 -23.66 -24.25
CA GLU D 155 -23.01 -23.82 -22.85
C GLU D 155 -22.18 -22.97 -21.89
N ASN D 156 -20.98 -22.58 -22.33
CA ASN D 156 -20.12 -21.73 -21.53
C ASN D 156 -20.08 -20.29 -22.01
N ALA D 157 -20.98 -19.93 -22.93
CA ALA D 157 -20.99 -18.59 -23.49
C ALA D 157 -21.15 -17.54 -22.40
N ARG D 158 -22.20 -17.66 -21.61
CA ARG D 158 -22.45 -16.71 -20.53
C ARG D 158 -23.30 -17.32 -19.43
N PRO D 159 -22.80 -18.41 -18.79
CA PRO D 159 -23.58 -19.14 -17.77
C PRO D 159 -23.59 -18.36 -16.47
N LYS D 160 -24.58 -18.62 -15.61
CA LYS D 160 -24.71 -17.95 -14.29
C LYS D 160 -24.64 -19.00 -13.17
N PRO D 161 -24.11 -18.61 -12.00
CA PRO D 161 -24.05 -19.60 -10.93
C PRO D 161 -25.46 -20.05 -10.56
N LYS D 162 -25.63 -21.31 -10.17
CA LYS D 162 -26.86 -21.75 -9.49
C LYS D 162 -26.56 -22.15 -8.01
N PRO D 163 -26.52 -21.17 -7.10
CA PRO D 163 -26.16 -21.45 -5.71
C PRO D 163 -27.32 -21.95 -4.84
N GLY D 164 -27.00 -22.80 -3.84
CA GLY D 164 -27.95 -23.23 -2.80
C GLY D 164 -28.38 -22.11 -1.85
N ASP D 165 -29.09 -22.47 -0.78
CA ASP D 165 -29.61 -21.48 0.15
C ASP D 165 -28.45 -21.03 0.99
N GLY D 166 -28.38 -19.74 1.26
CA GLY D 166 -27.24 -19.17 1.97
C GLY D 166 -25.90 -19.27 1.27
N GLU D 167 -25.89 -19.51 -0.06
CA GLU D 167 -24.68 -19.51 -0.91
C GLU D 167 -24.75 -18.24 -1.75
N PHE D 168 -23.73 -17.38 -1.65
CA PHE D 168 -23.68 -16.11 -2.38
C PHE D 168 -22.26 -15.94 -2.86
N VAL D 169 -22.05 -16.15 -4.17
CA VAL D 169 -20.73 -16.30 -4.75
C VAL D 169 -20.60 -15.46 -6.05
N GLU D 170 -19.63 -14.52 -6.04
CA GLU D 170 -19.25 -13.73 -7.23
C GLU D 170 -18.10 -14.43 -7.96
N VAL D 171 -18.26 -14.61 -9.26
CA VAL D 171 -17.24 -15.14 -10.15
C VAL D 171 -16.25 -14.00 -10.40
N ILE D 172 -14.98 -14.35 -10.40
CA ILE D 172 -13.89 -13.42 -10.76
C ILE D 172 -12.96 -14.20 -11.64
N SER D 173 -13.04 -13.91 -12.92
CA SER D 173 -12.14 -14.50 -13.89
C SER D 173 -10.92 -13.58 -14.02
N LEU D 174 -9.70 -14.12 -13.81
CA LEU D 174 -8.45 -13.35 -13.92
C LEU D 174 -7.58 -14.00 -14.96
N PRO D 175 -6.90 -13.19 -15.80
CA PRO D 175 -6.08 -13.82 -16.79
C PRO D 175 -4.95 -14.59 -16.09
N LYS D 176 -4.69 -15.81 -16.54
CA LYS D 176 -3.65 -16.65 -15.94
C LYS D 176 -2.22 -16.01 -15.97
N ASN D 177 -1.94 -15.43 -17.13
CA ASN D 177 -0.72 -14.73 -17.43
C ASN D 177 -0.36 -13.59 -16.51
N ASP D 178 -1.29 -13.02 -15.77
CA ASP D 178 -0.93 -11.95 -14.88
C ASP D 178 -1.55 -12.16 -13.53
N LEU D 179 -1.82 -13.43 -13.17
CA LEU D 179 -2.57 -13.75 -11.97
C LEU D 179 -2.03 -13.12 -10.72
N LEU D 180 -0.73 -13.28 -10.52
CA LEU D 180 -0.17 -12.81 -9.27
C LEU D 180 -0.43 -11.32 -9.11
N GLN D 181 -0.18 -10.55 -10.17
CA GLN D 181 -0.22 -9.10 -10.05
C GLN D 181 -1.67 -8.69 -9.86
N ARG D 182 -2.57 -9.41 -10.54
CA ARG D 182 -4.01 -9.12 -10.38
C ARG D 182 -4.47 -9.33 -8.96
N LEU D 183 -3.96 -10.37 -8.33
CA LEU D 183 -4.30 -10.66 -6.97
C LEU D 183 -3.76 -9.61 -6.07
N ASP D 184 -2.51 -9.30 -6.24
CA ASP D 184 -1.90 -8.20 -5.41
C ASP D 184 -2.67 -6.89 -5.54
N ALA D 185 -3.08 -6.55 -6.76
CA ALA D 185 -3.87 -5.35 -7.05
C ALA D 185 -5.21 -5.36 -6.30
N LEU D 186 -5.93 -6.49 -6.36
CA LEU D 186 -7.16 -6.62 -5.59
C LEU D 186 -6.96 -6.40 -4.12
N VAL D 187 -5.91 -7.00 -3.57
CA VAL D 187 -5.61 -6.88 -2.17
C VAL D 187 -5.22 -5.46 -1.75
N ALA D 188 -4.57 -4.73 -2.65
CA ALA D 188 -4.15 -3.37 -2.31
C ALA D 188 -5.34 -2.42 -2.33
N GLU D 189 -6.42 -2.79 -3.01
CA GLU D 189 -7.56 -1.88 -3.15
C GLU D 189 -8.85 -2.24 -2.42
N GLU D 190 -9.09 -3.49 -2.02
CA GLU D 190 -10.48 -3.94 -1.72
C GLU D 190 -10.97 -4.80 -0.55
N HIS D 191 -10.60 -4.59 0.70
CA HIS D 191 -11.22 -5.37 1.80
C HIS D 191 -11.56 -6.83 1.35
N LEU D 192 -10.51 -7.59 1.07
CA LEU D 192 -10.69 -9.02 0.91
C LEU D 192 -9.40 -9.71 1.24
N THR D 193 -9.49 -11.02 1.40
CA THR D 193 -8.32 -11.84 1.57
C THR D 193 -8.22 -12.85 0.40
N VAL D 194 -7.01 -13.07 -0.10
CA VAL D 194 -6.82 -14.11 -1.08
C VAL D 194 -6.46 -15.37 -0.30
N ASP D 195 -6.88 -16.47 -0.84
CA ASP D 195 -6.61 -17.77 -0.28
C ASP D 195 -5.19 -18.21 -0.58
N ALA D 196 -4.62 -18.97 0.35
CA ALA D 196 -3.24 -19.34 0.25
C ALA D 196 -2.92 -20.28 -0.90
N ARG D 197 -3.87 -21.15 -1.24
N ARG D 197 -3.86 -21.17 -1.23
CA ARG D 197 -3.69 -22.05 -2.37
CA ARG D 197 -3.71 -22.06 -2.38
C ARG D 197 -3.77 -21.29 -3.70
C ARG D 197 -3.74 -21.27 -3.69
N VAL D 198 -4.63 -20.28 -3.77
CA VAL D 198 -4.71 -19.42 -5.00
C VAL D 198 -3.38 -18.65 -5.18
N TYR D 199 -2.88 -18.13 -4.07
CA TYR D 199 -1.69 -17.39 -4.05
C TYR D 199 -0.45 -18.25 -4.38
N SER D 200 -0.36 -19.45 -3.82
CA SER D 200 0.76 -20.36 -4.13
C SER D 200 0.68 -20.74 -5.60
N TYR D 201 -0.52 -21.02 -6.10
CA TYR D 201 -0.71 -21.23 -7.57
C TYR D 201 -0.15 -20.05 -8.37
N ALA D 202 -0.56 -18.85 -8.00
CA ALA D 202 -0.13 -17.63 -8.72
C ALA D 202 1.42 -17.35 -8.64
N LEU D 203 2.02 -17.63 -7.49
CA LEU D 203 3.47 -17.50 -7.30
C LEU D 203 4.26 -18.41 -8.24
N ALA D 204 3.82 -19.67 -8.28
CA ALA D 204 4.42 -20.71 -9.08
C ALA D 204 4.33 -20.44 -10.60
N LEU D 205 3.25 -19.83 -11.07
CA LEU D 205 3.21 -19.34 -12.47
C LEU D 205 4.37 -18.38 -12.79
N LYS D 206 4.77 -17.55 -11.84
CA LYS D 206 5.92 -16.70 -11.99
C LYS D 206 7.28 -17.46 -11.78
N HIS D 207 7.33 -18.36 -10.80
CA HIS D 207 8.58 -19.06 -10.47
C HIS D 207 8.96 -20.10 -11.52
N ALA D 208 7.97 -20.63 -12.20
CA ALA D 208 8.17 -21.67 -13.20
C ALA D 208 9.28 -21.32 -14.20
N ASN D 209 9.98 -22.36 -14.65
CA ASN D 209 11.07 -22.25 -15.62
C ASN D 209 12.09 -21.19 -15.21
#